data_7DCQ
#
_entry.id   7DCQ
#
_cell.length_a   1.00
_cell.length_b   1.00
_cell.length_c   1.00
_cell.angle_alpha   90.00
_cell.angle_beta   90.00
_cell.angle_gamma   90.00
#
_symmetry.space_group_name_H-M   'P 1'
#
_entity_poly.entity_id   1
_entity_poly.type   'polypeptide(L)'
_entity_poly.pdbx_seq_one_letter_code
;MSSITSETGKRRVKRTYEVTRQNDNAVRIEPSSLGEEEDKEAKDKNSALQLKRSRYDPNKVFSNTNQGPEKNNLKGEQLG
SQKKSSKYDEKITSNNELTTKKGLLGDSENETKYASSNSKFNVEVTHKIKNAKEIDKINRQRMWEEQQLRNAMAGQSDHP
DDITLEGSDKYDYVFDTDAMIDYTNEEDDLLPEEKLQYEARLAQALETEEKRILTIQEARKLLPVHQYKDELLQEIKKNQ
VLIIMGETGSGKTTQLPQYLVEDGFTDQGKLQIAITQPRRVAATSVAARVADEMNVVLGKEVGYQIRFEDKTTPNKTVLK
YMTDGMLLREFLTDSKLSKYSCIMIDEAHERTLATDILIGLLKDILPQRPTLKLLISSATMNAKKFSEFFDNCPIFNVPG
RRYPVDIHYTLQPEANYIHAAITTIFQIHTTQSLPGDILVFLTGQEEIERTKTKLEEIMSKLGSRTKQMIITPIYANLPQ
EQQLKIFQPTPENCRKVVLATNIAETSLTIDGIRYVIDPGFVKENSYVPSTGMTQLLTVPCSRASVDQRAGRAGRVGPGK
CFRIFTKWSYLHELELMPKPEITRTNLSNTVLLLLSLGVTDLIKFPLMDKPSIPTLRKSLENLYILGALNSKGTITRLGK
MMCEFPCEPEFAKVLYTAATHEQCQGVLEECLTIVSMLHETPSLFIGQKRDAAASVLSEVESDHILYLEIFNQWRNSKFS
RSWCQDHKIQFKTMLRVRNIRNQLFRCSEKVGLVEKNDQARMKIGNIAGYINARITRCFISGFPMNIVQLGPTGYQTMGR
SSGGLNVSVHPTSILFVNHKEKAQRPSKYVLYQQLMLTSKEFIRDCLVIPKEEWLIDMVPQIFKDLIDDKTNRGRR
;
_entity_poly.pdbx_strand_id   x
#
# COMPACT_ATOMS: atom_id res chain seq x y z
N THR A 215 6.73 32.09 9.42
CA THR A 215 5.27 32.08 9.49
C THR A 215 4.72 31.07 8.48
N ILE A 216 3.86 30.16 8.96
CA ILE A 216 3.27 29.16 8.09
C ILE A 216 2.06 29.69 7.36
N GLN A 217 1.59 30.88 7.71
CA GLN A 217 0.46 31.51 7.03
C GLN A 217 0.91 32.31 5.81
N GLU A 218 2.11 32.87 5.84
CA GLU A 218 2.60 33.67 4.73
C GLU A 218 3.33 32.84 3.68
N ALA A 219 3.83 31.66 4.04
CA ALA A 219 4.44 30.78 3.06
C ALA A 219 3.41 30.12 2.14
N ARG A 220 2.14 30.10 2.56
CA ARG A 220 1.08 29.58 1.70
C ARG A 220 0.83 30.48 0.51
N LYS A 221 1.05 31.79 0.66
CA LYS A 221 0.83 32.73 -0.43
C LYS A 221 1.93 32.67 -1.49
N LEU A 222 3.06 32.06 -1.20
CA LEU A 222 4.17 31.99 -2.13
C LEU A 222 4.12 30.75 -3.02
N LEU A 223 3.09 29.93 -2.89
CA LEU A 223 2.93 28.76 -3.72
C LEU A 223 2.40 29.16 -5.11
N PRO A 224 2.70 28.37 -6.15
CA PRO A 224 2.26 28.75 -7.50
C PRO A 224 0.76 28.75 -7.71
N VAL A 225 0.00 28.01 -6.90
CA VAL A 225 -1.44 27.92 -7.13
C VAL A 225 -2.17 29.16 -6.63
N HIS A 226 -1.54 29.97 -5.77
CA HIS A 226 -2.25 31.07 -5.12
C HIS A 226 -2.53 32.22 -6.07
N GLN A 227 -1.68 32.42 -7.08
CA GLN A 227 -1.96 33.44 -8.09
C GLN A 227 -3.12 33.03 -8.99
N TYR A 228 -3.41 31.73 -9.08
CA TYR A 228 -4.52 31.22 -9.87
C TYR A 228 -5.77 30.96 -9.05
N LYS A 229 -5.83 31.45 -7.80
CA LYS A 229 -6.88 31.07 -6.87
C LYS A 229 -8.26 31.52 -7.34
N ASP A 230 -8.42 32.81 -7.61
CA ASP A 230 -9.70 33.33 -8.06
C ASP A 230 -10.04 32.85 -9.46
N GLU A 231 -9.02 32.56 -10.27
CA GLU A 231 -9.25 31.99 -11.59
C GLU A 231 -9.61 30.50 -11.52
N LEU A 232 -9.10 29.78 -10.52
CA LEU A 232 -9.58 28.42 -10.26
C LEU A 232 -11.06 28.41 -9.93
N LEU A 233 -11.46 29.17 -8.91
CA LEU A 233 -12.79 29.03 -8.31
C LEU A 233 -13.91 29.38 -9.28
N GLN A 234 -13.69 30.37 -10.15
CA GLN A 234 -14.68 30.67 -11.17
C GLN A 234 -14.72 29.60 -12.25
N GLU A 235 -13.62 28.88 -12.45
CA GLU A 235 -13.64 27.77 -13.40
C GLU A 235 -14.30 26.54 -12.80
N ILE A 236 -14.28 26.41 -11.47
CA ILE A 236 -14.96 25.29 -10.82
C ILE A 236 -16.47 25.48 -10.87
N LYS A 237 -16.93 26.72 -10.70
CA LYS A 237 -18.37 26.97 -10.66
C LYS A 237 -19.02 26.83 -12.03
N LYS A 238 -18.25 26.98 -13.10
CA LYS A 238 -18.82 26.84 -14.45
C LYS A 238 -18.84 25.39 -14.88
N ASN A 239 -17.76 24.66 -14.67
CA ASN A 239 -17.57 23.32 -15.20
C ASN A 239 -17.89 22.27 -14.15
N GLN A 240 -18.48 21.16 -14.56
CA GLN A 240 -18.69 20.08 -13.60
C GLN A 240 -17.39 19.34 -13.32
N VAL A 241 -16.67 18.95 -14.36
CA VAL A 241 -15.38 18.28 -14.24
C VAL A 241 -14.32 19.25 -14.72
N LEU A 242 -13.21 19.32 -14.01
CA LEU A 242 -12.06 20.09 -14.44
C LEU A 242 -10.80 19.26 -14.22
N ILE A 243 -9.90 19.30 -15.20
CA ILE A 243 -8.62 18.60 -15.12
C ILE A 243 -7.54 19.63 -14.84
N ILE A 244 -6.88 19.51 -13.70
CA ILE A 244 -5.94 20.52 -13.24
C ILE A 244 -4.54 20.04 -13.58
N MET A 245 -4.00 20.56 -14.67
CA MET A 245 -2.68 20.19 -15.17
C MET A 245 -1.60 20.89 -14.34
N GLY A 246 -0.49 20.19 -14.11
CA GLY A 246 0.62 20.82 -13.43
C GLY A 246 1.67 19.81 -12.99
N GLU A 247 2.35 20.16 -11.90
CA GLU A 247 3.33 19.29 -11.25
C GLU A 247 2.92 19.06 -9.81
N THR A 248 3.38 17.93 -9.27
CA THR A 248 3.03 17.54 -7.91
C THR A 248 3.66 18.48 -6.90
N GLY A 249 2.88 18.90 -5.91
CA GLY A 249 3.38 19.75 -4.85
C GLY A 249 3.35 21.23 -5.16
N SER A 250 2.62 21.65 -6.19
CA SER A 250 2.47 23.06 -6.53
C SER A 250 1.30 23.71 -5.80
N GLY A 251 0.82 23.10 -4.72
CA GLY A 251 -0.29 23.64 -3.97
C GLY A 251 -1.66 23.18 -4.44
N LYS A 252 -1.72 22.28 -5.42
CA LYS A 252 -3.00 21.74 -5.87
C LYS A 252 -3.69 20.96 -4.76
N THR A 253 -2.99 19.94 -4.24
CA THR A 253 -3.58 19.03 -3.27
C THR A 253 -3.81 19.71 -1.93
N THR A 254 -2.99 20.70 -1.61
CA THR A 254 -3.02 21.29 -0.27
C THR A 254 -3.93 22.50 -0.20
N GLN A 255 -3.82 23.43 -1.15
CA GLN A 255 -4.46 24.73 -1.02
C GLN A 255 -5.86 24.80 -1.62
N LEU A 256 -6.16 24.00 -2.65
CA LEU A 256 -7.53 23.93 -3.15
C LEU A 256 -8.56 23.43 -2.12
N PRO A 257 -8.28 22.46 -1.23
CA PRO A 257 -9.26 22.20 -0.17
C PRO A 257 -9.50 23.36 0.80
N GLN A 258 -8.51 24.22 1.09
CA GLN A 258 -8.84 25.38 1.91
C GLN A 258 -9.64 26.42 1.14
N TYR A 259 -9.48 26.47 -0.19
CA TYR A 259 -10.15 27.49 -0.97
C TYR A 259 -11.63 27.16 -1.14
N LEU A 260 -11.95 25.88 -1.35
CA LEU A 260 -13.34 25.46 -1.54
C LEU A 260 -14.14 25.50 -0.25
N VAL A 261 -13.47 25.40 0.90
CA VAL A 261 -14.15 25.52 2.19
C VAL A 261 -14.35 26.98 2.58
N GLU A 262 -13.48 27.88 2.11
CA GLU A 262 -13.70 29.30 2.31
C GLU A 262 -14.92 29.80 1.54
N ASP A 263 -15.27 29.14 0.44
CA ASP A 263 -16.54 29.37 -0.23
C ASP A 263 -17.63 28.48 0.38
N GLY A 264 -18.79 28.45 -0.24
CA GLY A 264 -19.89 27.65 0.24
C GLY A 264 -20.01 26.32 -0.46
N PHE A 265 -18.88 25.78 -0.95
CA PHE A 265 -18.90 24.55 -1.75
C PHE A 265 -19.39 23.35 -0.96
N THR A 266 -19.00 23.23 0.31
CA THR A 266 -19.60 22.14 1.07
C THR A 266 -21.00 22.52 1.49
N ASP A 267 -21.06 23.33 2.56
CA ASP A 267 -22.19 24.02 3.19
C ASP A 267 -21.60 24.63 4.46
N GLN A 268 -22.47 25.23 5.29
CA GLN A 268 -22.09 25.49 6.68
C GLN A 268 -21.54 24.23 7.36
N GLY A 269 -22.32 23.14 7.35
CA GLY A 269 -21.79 21.89 7.86
C GLY A 269 -22.26 20.61 7.19
N LYS A 270 -22.99 20.73 6.08
CA LYS A 270 -23.73 19.57 5.57
C LYS A 270 -22.87 18.63 4.74
N LEU A 271 -22.10 19.15 3.80
CA LEU A 271 -21.44 18.32 2.81
C LEU A 271 -19.95 18.20 3.12
N GLN A 272 -19.25 17.38 2.34
CA GLN A 272 -17.83 17.14 2.57
C GLN A 272 -17.06 17.20 1.26
N ILE A 273 -15.74 17.29 1.39
CA ILE A 273 -14.82 17.25 0.26
C ILE A 273 -13.91 16.05 0.45
N ALA A 274 -13.87 15.19 -0.56
CA ALA A 274 -13.06 13.97 -0.53
C ALA A 274 -11.86 14.15 -1.45
N ILE A 275 -10.67 13.94 -0.92
CA ILE A 275 -9.42 14.09 -1.68
C ILE A 275 -8.74 12.74 -1.73
N THR A 276 -8.38 12.31 -2.92
CA THR A 276 -7.90 10.96 -3.16
C THR A 276 -6.39 10.94 -3.37
N GLN A 277 -5.69 10.13 -2.59
CA GLN A 277 -4.26 9.94 -2.72
C GLN A 277 -3.95 8.50 -3.12
N PRO A 278 -2.95 8.28 -3.96
CA PRO A 278 -2.68 6.91 -4.43
C PRO A 278 -1.95 6.05 -3.41
N ARG A 279 -1.19 6.67 -2.51
CA ARG A 279 -0.43 5.95 -1.50
C ARG A 279 -1.05 6.14 -0.13
N ARG A 280 -0.80 5.16 0.74
CA ARG A 280 -1.26 5.24 2.12
C ARG A 280 -0.54 6.34 2.90
N VAL A 281 0.79 6.39 2.77
CA VAL A 281 1.58 7.34 3.55
C VAL A 281 1.40 8.75 3.02
N ALA A 282 1.12 8.91 1.73
CA ALA A 282 0.81 10.23 1.18
C ALA A 282 -0.52 10.76 1.71
N ALA A 283 -1.48 9.87 1.93
CA ALA A 283 -2.79 10.30 2.40
C ALA A 283 -2.74 10.76 3.86
N THR A 284 -1.91 10.11 4.67
CA THR A 284 -1.81 10.47 6.08
C THR A 284 -0.97 11.72 6.28
N SER A 285 0.16 11.82 5.56
CA SER A 285 1.12 12.89 5.83
C SER A 285 0.61 14.23 5.33
N VAL A 286 -0.08 14.25 4.17
CA VAL A 286 -0.63 15.49 3.65
C VAL A 286 -1.79 15.96 4.52
N ALA A 287 -2.54 15.03 5.12
CA ALA A 287 -3.65 15.40 5.98
C ALA A 287 -3.19 16.06 7.27
N ALA A 288 -2.03 15.63 7.79
CA ALA A 288 -1.47 16.28 8.97
C ALA A 288 -0.91 17.65 8.63
N ARG A 289 -0.36 17.78 7.42
CA ARG A 289 0.24 19.04 7.00
C ARG A 289 -0.83 20.12 6.78
N VAL A 290 -2.01 19.70 6.33
CA VAL A 290 -3.13 20.61 6.12
C VAL A 290 -3.74 21.02 7.46
N ALA A 291 -3.70 20.13 8.46
CA ALA A 291 -4.23 20.45 9.78
C ALA A 291 -3.38 21.49 10.49
N ASP A 292 -2.10 21.59 10.15
CA ASP A 292 -1.28 22.72 10.59
C ASP A 292 -1.80 24.02 10.00
N GLU A 293 -1.94 24.06 8.67
CA GLU A 293 -2.31 25.28 7.98
C GLU A 293 -3.75 25.70 8.29
N MET A 294 -4.64 24.74 8.50
CA MET A 294 -6.00 25.05 8.93
C MET A 294 -6.04 25.48 10.40
N ASN A 295 -5.01 25.10 11.17
CA ASN A 295 -4.93 25.29 12.64
C ASN A 295 -6.12 24.62 13.32
N VAL A 296 -6.34 23.34 13.01
CA VAL A 296 -7.34 22.51 13.66
C VAL A 296 -6.69 21.20 14.06
N VAL A 297 -7.37 20.48 14.96
CA VAL A 297 -6.89 19.18 15.38
C VAL A 297 -7.18 18.17 14.28
N LEU A 298 -6.18 17.35 13.95
CA LEU A 298 -6.33 16.31 12.94
C LEU A 298 -7.39 15.30 13.35
N GLY A 299 -8.36 15.09 12.45
CA GLY A 299 -9.48 14.23 12.73
C GLY A 299 -10.72 14.94 13.20
N LYS A 300 -10.70 16.25 13.37
CA LYS A 300 -11.88 16.99 13.80
C LYS A 300 -12.50 17.77 12.66
N GLU A 301 -11.75 18.67 12.02
CA GLU A 301 -12.21 19.32 10.80
C GLU A 301 -11.47 18.83 9.56
N VAL A 302 -10.28 18.28 9.72
CA VAL A 302 -9.49 17.70 8.64
C VAL A 302 -9.15 16.27 9.05
N GLY A 303 -9.55 15.31 8.23
CA GLY A 303 -9.40 13.91 8.58
C GLY A 303 -8.75 13.11 7.46
N TYR A 304 -8.52 11.84 7.76
CA TYR A 304 -8.08 10.88 6.75
C TYR A 304 -8.82 9.58 6.98
N GLN A 305 -8.89 8.75 5.92
CA GLN A 305 -9.65 7.50 6.01
C GLN A 305 -8.85 6.41 5.27
N ILE A 306 -7.97 5.75 6.01
CA ILE A 306 -7.15 4.62 5.54
C ILE A 306 -7.94 3.34 5.82
N ARG A 307 -7.49 2.20 5.27
CA ARG A 307 -8.26 0.96 5.31
C ARG A 307 -8.50 0.42 6.71
N PHE A 308 -7.66 0.77 7.67
CA PHE A 308 -7.97 0.45 9.06
C PHE A 308 -7.89 1.67 9.98
N GLU A 309 -7.60 2.85 9.44
CA GLU A 309 -7.62 4.09 10.20
C GLU A 309 -8.72 4.98 9.64
N ASP A 310 -9.72 5.26 10.47
CA ASP A 310 -10.78 6.22 10.18
C ASP A 310 -10.66 7.31 11.22
N LYS A 311 -9.79 8.28 10.96
CA LYS A 311 -9.62 9.40 11.88
C LYS A 311 -10.41 10.60 11.35
N THR A 312 -11.73 10.45 11.40
CA THR A 312 -12.67 11.50 11.02
C THR A 312 -13.80 11.53 12.02
N THR A 313 -14.13 12.71 12.53
CA THR A 313 -15.35 12.87 13.28
C THR A 313 -16.54 12.75 12.32
N PRO A 314 -17.62 12.07 12.72
CA PRO A 314 -18.74 11.87 11.78
C PRO A 314 -19.50 13.13 11.39
N ASN A 315 -19.65 14.11 12.30
CA ASN A 315 -20.43 15.29 11.98
C ASN A 315 -19.63 16.60 12.05
N LYS A 316 -18.30 16.52 12.14
CA LYS A 316 -17.47 17.72 12.16
C LYS A 316 -16.48 17.80 11.03
N THR A 317 -16.07 16.67 10.44
CA THR A 317 -15.06 16.69 9.38
C THR A 317 -15.63 17.32 8.12
N VAL A 318 -14.95 18.34 7.61
CA VAL A 318 -15.37 19.03 6.42
C VAL A 318 -14.60 18.55 5.19
N LEU A 319 -13.29 18.38 5.30
CA LEU A 319 -12.49 17.83 4.21
C LEU A 319 -11.66 16.67 4.73
N LYS A 320 -11.67 15.57 4.01
CA LYS A 320 -10.99 14.35 4.42
C LYS A 320 -10.17 13.79 3.27
N TYR A 321 -9.02 13.22 3.60
CA TYR A 321 -8.04 12.79 2.60
C TYR A 321 -7.94 11.28 2.65
N MET A 322 -8.44 10.60 1.62
CA MET A 322 -8.54 9.16 1.68
C MET A 322 -7.76 8.52 0.55
N THR A 323 -7.55 7.22 0.65
CA THR A 323 -6.85 6.47 -0.38
C THR A 323 -7.80 6.25 -1.55
N ASP A 324 -7.23 5.94 -2.72
CA ASP A 324 -8.05 5.61 -3.88
C ASP A 324 -8.84 4.32 -3.67
N GLY A 325 -8.26 3.36 -2.96
CA GLY A 325 -8.98 2.13 -2.66
C GLY A 325 -10.12 2.31 -1.67
N MET A 326 -10.05 3.35 -0.84
CA MET A 326 -11.06 3.53 0.19
C MET A 326 -12.27 4.33 -0.27
N LEU A 327 -12.19 4.99 -1.42
CA LEU A 327 -13.39 5.60 -1.99
C LEU A 327 -14.13 4.63 -2.88
N LEU A 328 -13.47 3.57 -3.36
CA LEU A 328 -14.19 2.45 -3.96
C LEU A 328 -15.06 1.75 -2.95
N ARG A 329 -14.59 1.64 -1.70
CA ARG A 329 -15.38 1.06 -0.62
C ARG A 329 -16.59 1.92 -0.30
N GLU A 330 -16.52 3.22 -0.59
CA GLU A 330 -17.61 4.13 -0.27
C GLU A 330 -18.80 3.94 -1.20
N PHE A 331 -18.57 3.40 -2.40
CA PHE A 331 -19.67 3.13 -3.33
C PHE A 331 -20.59 2.03 -2.83
N LEU A 332 -20.08 1.11 -2.01
CA LEU A 332 -20.88 -0.01 -1.52
C LEU A 332 -21.99 0.47 -0.59
N THR A 333 -21.65 1.39 0.31
CA THR A 333 -22.66 1.90 1.24
C THR A 333 -23.52 2.98 0.60
N ASP A 334 -22.93 3.83 -0.24
CA ASP A 334 -23.62 4.98 -0.82
C ASP A 334 -23.16 5.06 -2.28
N SER A 335 -24.03 4.62 -3.19
CA SER A 335 -23.64 4.48 -4.59
C SER A 335 -23.57 5.81 -5.32
N LYS A 336 -24.36 6.80 -4.91
CA LYS A 336 -24.37 8.10 -5.56
C LYS A 336 -23.45 9.11 -4.88
N LEU A 337 -22.76 8.69 -3.81
CA LEU A 337 -21.81 9.50 -3.04
C LEU A 337 -22.46 10.79 -2.53
N SER A 338 -23.61 10.64 -1.87
CA SER A 338 -24.42 11.77 -1.45
C SER A 338 -23.82 12.56 -0.29
N LYS A 339 -22.77 12.03 0.34
CA LYS A 339 -22.16 12.71 1.47
C LYS A 339 -21.18 13.80 1.03
N TYR A 340 -20.64 13.68 -0.18
CA TYR A 340 -19.55 14.54 -0.62
C TYR A 340 -20.05 15.63 -1.55
N SER A 341 -19.50 16.83 -1.40
CA SER A 341 -19.78 17.94 -2.30
C SER A 341 -18.93 17.87 -3.56
N CYS A 342 -17.61 17.74 -3.39
CA CYS A 342 -16.71 17.64 -4.52
C CYS A 342 -15.58 16.68 -4.21
N ILE A 343 -15.09 16.02 -5.26
CA ILE A 343 -14.12 14.94 -5.15
C ILE A 343 -12.93 15.26 -6.02
N MET A 344 -11.73 15.19 -5.46
CA MET A 344 -10.51 15.51 -6.17
C MET A 344 -9.61 14.30 -6.23
N ILE A 345 -9.14 13.95 -7.42
CA ILE A 345 -8.37 12.74 -7.65
C ILE A 345 -6.93 13.16 -7.90
N ASP A 346 -6.09 13.06 -6.88
CA ASP A 346 -4.71 13.49 -7.03
C ASP A 346 -3.82 12.36 -7.53
N GLU A 347 -2.76 12.76 -8.24
CA GLU A 347 -1.81 11.87 -8.91
C GLU A 347 -2.51 10.83 -9.78
N ALA A 348 -3.43 11.29 -10.61
CA ALA A 348 -4.10 10.41 -11.56
C ALA A 348 -3.17 9.95 -12.66
N HIS A 349 -2.06 10.66 -12.88
CA HIS A 349 -1.07 10.25 -13.86
C HIS A 349 -0.30 9.00 -13.45
N GLU A 350 -0.33 8.64 -12.16
CA GLU A 350 0.35 7.44 -11.71
C GLU A 350 -0.37 6.18 -12.16
N ARG A 351 -1.69 6.28 -12.39
CA ARG A 351 -2.51 5.25 -13.02
C ARG A 351 -2.54 3.96 -12.20
N THR A 352 -2.91 4.09 -10.94
CA THR A 352 -3.09 2.91 -10.11
C THR A 352 -4.36 2.17 -10.49
N LEU A 353 -4.49 0.94 -9.99
CA LEU A 353 -5.67 0.14 -10.27
C LEU A 353 -6.91 0.74 -9.62
N ALA A 354 -6.81 1.17 -8.37
CA ALA A 354 -7.98 1.68 -7.66
C ALA A 354 -8.42 3.04 -8.17
N THR A 355 -7.50 3.82 -8.74
CA THR A 355 -7.88 5.09 -9.36
C THR A 355 -8.60 4.85 -10.68
N ASP A 356 -8.08 3.93 -11.50
CA ASP A 356 -8.60 3.71 -12.85
C ASP A 356 -10.02 3.17 -12.82
N ILE A 357 -10.34 2.35 -11.82
CA ILE A 357 -11.71 1.89 -11.64
C ILE A 357 -12.58 3.04 -11.15
N LEU A 358 -12.04 3.89 -10.27
CA LEU A 358 -12.83 4.95 -9.67
C LEU A 358 -13.08 6.08 -10.66
N ILE A 359 -12.17 6.30 -11.60
CA ILE A 359 -12.42 7.22 -12.70
C ILE A 359 -13.53 6.67 -13.60
N GLY A 360 -13.53 5.36 -13.83
CA GLY A 360 -14.62 4.76 -14.59
C GLY A 360 -15.95 4.77 -13.86
N LEU A 361 -15.91 4.57 -12.54
CA LEU A 361 -17.16 4.56 -11.77
C LEU A 361 -17.74 5.95 -11.61
N LEU A 362 -16.89 6.97 -11.48
CA LEU A 362 -17.41 8.32 -11.36
C LEU A 362 -17.98 8.85 -12.67
N LYS A 363 -17.52 8.33 -13.82
CA LYS A 363 -18.06 8.75 -15.10
C LYS A 363 -19.52 8.32 -15.26
N ASP A 364 -19.91 7.21 -14.63
CA ASP A 364 -21.29 6.75 -14.70
C ASP A 364 -22.24 7.67 -13.94
N ILE A 365 -21.84 8.13 -12.74
CA ILE A 365 -22.76 8.87 -11.89
C ILE A 365 -22.74 10.37 -12.13
N LEU A 366 -21.96 10.85 -13.09
CA LEU A 366 -21.99 12.27 -13.45
C LEU A 366 -23.29 12.73 -14.11
N PRO A 367 -23.93 11.99 -15.04
CA PRO A 367 -25.29 12.40 -15.44
C PRO A 367 -26.30 12.27 -14.32
N GLN A 368 -26.08 11.31 -13.41
CA GLN A 368 -27.04 11.02 -12.36
C GLN A 368 -26.94 11.98 -11.18
N ARG A 369 -25.87 12.80 -11.11
CA ARG A 369 -25.75 13.82 -10.07
C ARG A 369 -25.07 15.05 -10.65
N PRO A 370 -25.82 16.14 -10.84
CA PRO A 370 -25.24 17.33 -11.48
C PRO A 370 -24.50 18.27 -10.54
N THR A 371 -24.84 18.23 -9.24
CA THR A 371 -24.32 19.22 -8.30
C THR A 371 -22.86 18.98 -7.94
N LEU A 372 -22.43 17.71 -7.94
CA LEU A 372 -21.07 17.34 -7.58
C LEU A 372 -20.05 17.87 -8.57
N LYS A 373 -18.87 18.20 -8.07
CA LYS A 373 -17.75 18.69 -8.86
C LYS A 373 -16.62 17.68 -8.81
N LEU A 374 -16.02 17.38 -9.95
CA LEU A 374 -14.96 16.39 -10.03
C LEU A 374 -13.68 17.03 -10.51
N LEU A 375 -12.57 16.75 -9.83
CA LEU A 375 -11.27 17.35 -10.14
C LEU A 375 -10.25 16.25 -10.33
N ILE A 376 -9.62 16.22 -11.50
CA ILE A 376 -8.57 15.25 -11.79
C ILE A 376 -7.25 16.02 -11.85
N SER A 377 -6.32 15.64 -10.98
CA SER A 377 -4.99 16.22 -10.96
C SER A 377 -4.03 15.25 -11.63
N SER A 378 -3.24 15.76 -12.57
CA SER A 378 -2.36 14.90 -13.33
C SER A 378 -1.15 15.70 -13.79
N ALA A 379 -0.15 14.97 -14.30
CA ALA A 379 1.01 15.59 -14.92
C ALA A 379 0.64 16.16 -16.29
N THR A 380 1.51 17.03 -16.79
CA THR A 380 1.29 17.69 -18.07
C THR A 380 1.23 16.70 -19.23
N MET A 381 1.98 15.61 -19.13
CA MET A 381 2.05 14.65 -20.22
C MET A 381 0.75 13.86 -20.37
N ASN A 382 0.07 13.56 -19.27
CA ASN A 382 -1.07 12.64 -19.28
C ASN A 382 -2.41 13.34 -19.25
N ALA A 383 -2.46 14.67 -19.13
CA ALA A 383 -3.73 15.35 -18.94
C ALA A 383 -4.58 15.39 -20.20
N LYS A 384 -4.00 15.13 -21.36
CA LYS A 384 -4.79 15.12 -22.60
C LYS A 384 -5.60 13.82 -22.72
N LYS A 385 -5.06 12.72 -22.19
CA LYS A 385 -5.78 11.44 -22.24
C LYS A 385 -6.99 11.45 -21.32
N PHE A 386 -6.89 12.15 -20.19
CA PHE A 386 -8.06 12.32 -19.33
C PHE A 386 -9.08 13.27 -19.93
N SER A 387 -8.65 14.17 -20.82
CA SER A 387 -9.59 15.10 -21.43
C SER A 387 -10.42 14.41 -22.51
N GLU A 388 -9.78 13.53 -23.30
CA GLU A 388 -10.51 12.74 -24.29
C GLU A 388 -11.48 11.78 -23.62
N PHE A 389 -11.18 11.37 -22.39
CA PHE A 389 -12.00 10.41 -21.67
C PHE A 389 -13.22 11.05 -21.03
N PHE A 390 -13.12 12.34 -20.69
CA PHE A 390 -14.22 13.04 -20.04
C PHE A 390 -14.94 14.06 -20.93
N ASP A 391 -15.40 13.62 -22.10
CA ASP A 391 -16.16 14.45 -23.04
C ASP A 391 -15.56 15.84 -23.34
N ASN A 392 -14.28 15.85 -23.71
CA ASN A 392 -13.54 17.07 -24.04
C ASN A 392 -13.56 18.08 -22.90
N CYS A 393 -13.29 17.58 -21.70
CA CYS A 393 -13.24 18.35 -20.47
C CYS A 393 -12.19 19.46 -20.59
N PRO A 394 -12.47 20.66 -20.07
CA PRO A 394 -11.46 21.71 -20.08
C PRO A 394 -10.32 21.42 -19.12
N ILE A 395 -9.13 21.88 -19.51
CA ILE A 395 -7.91 21.64 -18.76
C ILE A 395 -7.42 22.96 -18.20
N PHE A 396 -7.25 23.02 -16.89
CA PHE A 396 -6.64 24.18 -16.25
C PHE A 396 -5.19 23.84 -15.95
N ASN A 397 -4.28 24.79 -16.17
CA ASN A 397 -2.86 24.55 -15.98
C ASN A 397 -2.35 25.40 -14.82
N VAL A 398 -1.79 24.74 -13.82
CA VAL A 398 -1.09 25.41 -12.73
C VAL A 398 0.36 24.93 -12.78
N PRO A 399 1.22 25.62 -13.52
CA PRO A 399 2.60 25.12 -13.71
C PRO A 399 3.47 25.38 -12.50
N GLY A 400 4.33 24.43 -12.21
CA GLY A 400 5.32 24.63 -11.16
C GLY A 400 6.43 25.56 -11.60
N ARG A 401 6.96 26.32 -10.64
CA ARG A 401 8.10 27.17 -10.91
C ARG A 401 9.33 26.31 -11.16
N ARG A 402 9.83 26.33 -12.39
CA ARG A 402 10.91 25.46 -12.80
C ARG A 402 12.24 26.21 -12.69
N TYR A 403 13.11 25.71 -11.86
CA TYR A 403 14.47 26.18 -11.73
C TYR A 403 15.42 25.20 -12.42
N PRO A 404 16.56 25.66 -12.91
CA PRO A 404 17.47 24.74 -13.62
C PRO A 404 18.08 23.70 -12.68
N VAL A 405 17.77 22.44 -12.96
CA VAL A 405 18.38 21.31 -12.25
C VAL A 405 19.48 20.73 -13.13
N ASP A 406 20.64 20.48 -12.54
CA ASP A 406 21.73 19.86 -13.26
C ASP A 406 21.71 18.37 -12.96
N ILE A 407 21.74 17.56 -14.01
CA ILE A 407 21.58 16.11 -13.89
C ILE A 407 22.91 15.46 -14.18
N HIS A 408 23.42 14.68 -13.23
CA HIS A 408 24.70 14.01 -13.35
C HIS A 408 24.48 12.52 -13.58
N TYR A 409 25.00 12.02 -14.68
CA TYR A 409 25.01 10.59 -14.95
C TYR A 409 26.40 10.06 -14.59
N THR A 410 26.44 8.98 -13.81
CA THR A 410 27.70 8.34 -13.44
C THR A 410 28.38 7.68 -14.64
N LEU A 411 29.69 7.49 -14.56
CA LEU A 411 30.48 6.92 -15.66
C LEU A 411 30.23 5.48 -16.16
N GLN A 412 30.03 4.53 -15.25
CA GLN A 412 29.81 3.14 -15.66
C GLN A 412 28.53 2.57 -15.04
N PRO A 413 28.11 1.35 -15.47
CA PRO A 413 26.87 0.91 -14.85
C PRO A 413 27.19 0.55 -13.41
N GLU A 414 26.35 0.99 -12.48
CA GLU A 414 26.67 0.79 -11.07
C GLU A 414 25.86 -0.19 -10.24
N ALA A 415 26.42 -1.37 -9.99
CA ALA A 415 25.81 -2.33 -9.09
C ALA A 415 26.09 -1.89 -7.66
N ASN A 416 25.23 -2.34 -6.74
CA ASN A 416 25.24 -1.96 -5.32
C ASN A 416 25.08 -0.44 -5.19
N TYR A 417 23.90 0.03 -5.59
CA TYR A 417 23.61 1.45 -5.62
C TYR A 417 23.59 2.07 -4.23
N ILE A 418 23.30 1.29 -3.19
CA ILE A 418 23.26 1.85 -1.85
C ILE A 418 24.67 2.11 -1.34
N HIS A 419 25.67 1.39 -1.84
CA HIS A 419 27.05 1.73 -1.54
C HIS A 419 27.46 3.03 -2.22
N ALA A 420 27.00 3.25 -3.46
CA ALA A 420 27.34 4.48 -4.16
C ALA A 420 26.57 5.67 -3.62
N ALA A 421 25.41 5.44 -3.01
CA ALA A 421 24.57 6.54 -2.54
C ALA A 421 25.15 7.19 -1.29
N ILE A 422 25.78 6.40 -0.42
CA ILE A 422 26.35 6.92 0.82
C ILE A 422 27.52 7.86 0.52
N THR A 423 28.33 7.52 -0.47
CA THR A 423 29.42 8.39 -0.92
C THR A 423 28.87 9.67 -1.55
N THR A 424 27.73 9.57 -2.24
CA THR A 424 27.13 10.71 -2.91
C THR A 424 26.57 11.72 -1.91
N ILE A 425 26.03 11.24 -0.79
CA ILE A 425 25.52 12.13 0.25
C ILE A 425 26.65 12.94 0.88
N PHE A 426 27.80 12.29 1.11
CA PHE A 426 28.89 12.93 1.81
C PHE A 426 29.63 13.93 0.94
N GLN A 427 29.71 13.67 -0.37
CA GLN A 427 30.29 14.64 -1.28
C GLN A 427 29.45 15.90 -1.37
N ILE A 428 28.13 15.75 -1.24
CA ILE A 428 27.24 16.91 -1.19
C ILE A 428 27.39 17.63 0.15
N HIS A 429 27.42 16.86 1.25
CA HIS A 429 27.27 17.45 2.58
C HIS A 429 28.48 18.27 2.99
N THR A 430 29.67 17.88 2.55
CA THR A 430 30.88 18.59 2.96
C THR A 430 31.12 19.84 2.12
N THR A 431 30.96 19.73 0.80
CA THR A 431 31.46 20.76 -0.12
C THR A 431 30.38 21.75 -0.57
N GLN A 432 29.12 21.56 -0.19
CA GLN A 432 28.06 22.46 -0.60
C GLN A 432 27.59 23.29 0.58
N SER A 433 27.32 24.58 0.33
CA SER A 433 27.00 25.50 1.40
C SER A 433 25.56 25.33 1.87
N LEU A 434 25.32 25.72 3.12
CA LEU A 434 23.99 25.72 3.68
C LEU A 434 23.19 26.91 3.11
N PRO A 435 21.85 26.78 3.00
CA PRO A 435 21.05 25.55 3.09
C PRO A 435 20.60 24.96 1.76
N GLY A 436 20.94 23.70 1.52
CA GLY A 436 20.26 22.93 0.50
C GLY A 436 20.19 21.47 0.86
N ASP A 437 18.99 20.91 0.99
CA ASP A 437 18.80 19.62 1.63
C ASP A 437 18.80 18.49 0.59
N ILE A 438 19.01 17.27 1.08
CA ILE A 438 19.21 16.10 0.23
C ILE A 438 17.98 15.20 0.32
N LEU A 439 17.51 14.73 -0.83
CA LEU A 439 16.46 13.72 -0.92
C LEU A 439 17.04 12.48 -1.58
N VAL A 440 16.83 11.32 -0.96
CA VAL A 440 17.23 10.05 -1.55
C VAL A 440 15.98 9.20 -1.73
N PHE A 441 15.78 8.70 -2.95
CA PHE A 441 14.66 7.83 -3.26
C PHE A 441 15.10 6.39 -3.09
N LEU A 442 14.69 5.77 -2.01
CA LEU A 442 14.99 4.37 -1.74
C LEU A 442 13.81 3.49 -2.12
N THR A 443 14.11 2.26 -2.52
CA THR A 443 13.10 1.45 -3.19
C THR A 443 12.07 0.85 -2.25
N GLY A 444 12.32 0.85 -0.94
CA GLY A 444 11.41 0.18 -0.04
C GLY A 444 11.40 0.79 1.34
N GLN A 445 10.63 0.16 2.22
CA GLN A 445 10.49 0.60 3.60
C GLN A 445 11.63 0.07 4.48
N GLU A 446 12.14 -1.13 4.17
CA GLU A 446 13.21 -1.69 4.98
C GLU A 446 14.56 -1.05 4.68
N GLU A 447 14.78 -0.63 3.43
CA GLU A 447 16.07 -0.05 3.06
C GLU A 447 16.24 1.35 3.64
N ILE A 448 15.13 2.05 3.90
CA ILE A 448 15.19 3.35 4.56
C ILE A 448 15.76 3.23 5.96
N GLU A 449 15.32 2.21 6.70
CA GLU A 449 15.83 2.01 8.06
C GLU A 449 17.26 1.50 8.07
N ARG A 450 17.62 0.65 7.11
CA ARG A 450 19.00 0.17 7.04
C ARG A 450 19.96 1.27 6.63
N THR A 451 19.52 2.17 5.76
CA THR A 451 20.38 3.27 5.33
C THR A 451 20.48 4.34 6.43
N LYS A 452 19.39 4.54 7.18
CA LYS A 452 19.39 5.50 8.27
C LYS A 452 20.35 5.08 9.37
N THR A 453 20.27 3.81 9.78
CA THR A 453 21.11 3.29 10.87
C THR A 453 22.58 3.31 10.49
N LYS A 454 22.88 3.00 9.22
CA LYS A 454 24.25 3.10 8.73
C LYS A 454 24.72 4.55 8.69
N LEU A 455 23.81 5.49 8.53
CA LEU A 455 24.21 6.88 8.30
C LEU A 455 24.60 7.59 9.59
N GLU A 456 24.03 7.21 10.74
CA GLU A 456 24.51 7.79 11.99
C GLU A 456 25.85 7.19 12.41
N GLU A 457 26.16 5.99 11.95
CA GLU A 457 27.44 5.36 12.29
C GLU A 457 28.61 6.15 11.74
N ILE A 458 28.49 6.66 10.51
CA ILE A 458 29.51 7.56 9.99
C ILE A 458 29.40 8.92 10.65
N MET A 459 28.17 9.32 11.01
CA MET A 459 27.98 10.65 11.59
C MET A 459 28.50 10.71 13.03
N SER A 460 28.48 9.59 13.75
CA SER A 460 29.07 9.57 15.09
C SER A 460 30.59 9.62 15.04
N LYS A 461 31.19 9.11 13.96
CA LYS A 461 32.64 9.13 13.82
C LYS A 461 33.17 10.55 13.64
N LEU A 462 32.41 11.39 12.92
CA LEU A 462 32.86 12.76 12.68
C LEU A 462 32.61 13.66 13.88
N GLY A 463 31.52 13.44 14.61
CA GLY A 463 31.19 14.31 15.72
C GLY A 463 30.76 15.68 15.23
N SER A 464 31.22 16.72 15.93
CA SER A 464 30.97 18.11 15.54
C SER A 464 32.17 18.70 14.83
N ARG A 465 32.89 17.89 14.04
CA ARG A 465 34.06 18.39 13.34
C ARG A 465 33.67 19.23 12.14
N THR A 466 33.01 18.62 11.15
CA THR A 466 32.68 19.34 9.92
C THR A 466 31.37 20.13 10.06
N LYS A 467 30.25 19.43 10.16
CA LYS A 467 28.92 20.03 10.12
C LYS A 467 27.94 19.11 10.84
N GLN A 468 26.65 19.35 10.63
CA GLN A 468 25.56 18.63 11.27
C GLN A 468 24.65 18.03 10.20
N MET A 469 24.20 16.81 10.43
CA MET A 469 23.30 16.11 9.49
C MET A 469 22.08 15.59 10.25
N ILE A 470 20.90 16.02 9.82
CA ILE A 470 19.63 15.53 10.35
C ILE A 470 19.04 14.56 9.34
N ILE A 471 18.72 13.35 9.79
CA ILE A 471 18.18 12.30 8.92
C ILE A 471 16.70 12.19 9.19
N THR A 472 15.89 12.19 8.14
CA THR A 472 14.44 12.25 8.24
C THR A 472 13.79 11.20 7.34
N PRO A 473 13.34 10.09 7.90
CA PRO A 473 12.70 9.07 7.08
C PRO A 473 11.22 9.34 6.86
N ILE A 474 10.73 8.93 5.70
CA ILE A 474 9.30 9.02 5.37
C ILE A 474 8.87 7.64 4.86
N TYR A 475 8.20 6.87 5.72
CA TYR A 475 7.55 5.64 5.30
C TYR A 475 6.26 5.48 6.11
N ALA A 476 5.56 4.38 5.86
CA ALA A 476 4.24 4.18 6.43
C ALA A 476 4.31 3.89 7.91
N ASN A 477 3.32 4.44 8.64
CA ASN A 477 3.09 4.19 10.07
C ASN A 477 4.28 4.61 10.92
N LEU A 478 4.67 5.88 10.77
CA LEU A 478 5.64 6.50 11.64
C LEU A 478 4.96 7.01 12.91
N PRO A 479 5.71 7.16 14.00
CA PRO A 479 5.13 7.76 15.21
C PRO A 479 4.85 9.24 15.02
N GLN A 480 4.03 9.78 15.93
CA GLN A 480 3.63 11.18 15.87
C GLN A 480 4.81 12.10 16.13
N GLU A 481 5.78 11.65 16.92
CA GLU A 481 7.02 12.40 17.12
C GLU A 481 7.84 12.50 15.85
N GLN A 482 7.70 11.54 14.93
CA GLN A 482 8.41 11.61 13.66
C GLN A 482 7.63 12.43 12.63
N GLN A 483 6.30 12.44 12.72
CA GLN A 483 5.48 13.23 11.81
C GLN A 483 5.70 14.72 11.99
N LEU A 484 6.01 15.16 13.22
CA LEU A 484 6.35 16.56 13.43
C LEU A 484 7.73 16.88 12.88
N LYS A 485 8.67 15.93 12.95
CA LYS A 485 10.05 16.22 12.59
C LYS A 485 10.23 16.36 11.09
N ILE A 486 9.35 15.75 10.30
CA ILE A 486 9.39 15.92 8.85
C ILE A 486 9.01 17.35 8.47
N PHE A 487 8.03 17.91 9.18
CA PHE A 487 7.34 19.13 8.75
C PHE A 487 7.81 20.36 9.52
N GLN A 488 9.09 20.44 9.87
CA GLN A 488 9.59 21.60 10.58
C GLN A 488 10.81 22.18 9.86
N PRO A 489 10.99 23.50 9.93
CA PRO A 489 12.16 24.12 9.30
C PRO A 489 13.45 23.76 10.02
N THR A 490 14.49 23.51 9.24
CA THR A 490 15.81 23.28 9.81
C THR A 490 16.41 24.60 10.29
N PRO A 491 17.11 24.61 11.41
CA PRO A 491 17.84 25.81 11.83
C PRO A 491 19.12 26.02 11.04
N GLU A 492 19.91 27.03 11.41
CA GLU A 492 21.17 27.30 10.74
C GLU A 492 22.18 26.19 11.02
N ASN A 493 23.05 25.95 10.02
CA ASN A 493 24.12 24.94 10.03
C ASN A 493 23.61 23.52 10.24
N CYS A 494 22.35 23.25 9.88
CA CYS A 494 21.76 21.92 9.96
C CYS A 494 21.35 21.49 8.56
N ARG A 495 21.80 20.31 8.15
CA ARG A 495 21.57 19.80 6.80
C ARG A 495 20.65 18.60 6.88
N LYS A 496 19.43 18.75 6.39
CA LYS A 496 18.45 17.67 6.43
C LYS A 496 18.67 16.71 5.27
N VAL A 497 18.74 15.42 5.58
CA VAL A 497 18.73 14.37 4.57
C VAL A 497 17.43 13.60 4.72
N VAL A 498 16.67 13.49 3.65
CA VAL A 498 15.35 12.87 3.66
C VAL A 498 15.44 11.55 2.90
N LEU A 499 14.92 10.50 3.50
CA LEU A 499 14.86 9.17 2.88
C LEU A 499 13.40 8.84 2.64
N ALA A 500 12.99 8.81 1.38
CA ALA A 500 11.60 8.54 1.01
C ALA A 500 11.56 7.54 -0.13
N THR A 501 10.36 7.09 -0.46
CA THR A 501 10.14 6.13 -1.53
C THR A 501 9.57 6.77 -2.79
N ASN A 502 8.57 7.65 -2.65
CA ASN A 502 7.89 8.25 -3.78
C ASN A 502 7.90 9.76 -3.67
N ILE A 503 7.40 10.41 -4.72
CA ILE A 503 7.54 11.86 -4.87
C ILE A 503 6.51 12.60 -4.04
N ALA A 504 5.30 12.04 -3.93
CA ALA A 504 4.15 12.79 -3.42
C ALA A 504 4.23 13.03 -1.91
N GLU A 505 4.99 12.21 -1.18
CA GLU A 505 5.14 12.42 0.25
C GLU A 505 6.10 13.56 0.55
N THR A 506 7.04 13.83 -0.37
CA THR A 506 8.15 14.72 -0.10
C THR A 506 7.78 16.19 -0.17
N SER A 507 6.59 16.53 -0.65
CA SER A 507 6.22 17.93 -0.81
C SER A 507 5.96 18.58 0.55
N LEU A 508 6.26 19.87 0.64
CA LEU A 508 6.10 20.59 1.89
C LEU A 508 5.94 22.07 1.54
N THR A 509 5.40 22.84 2.49
CA THR A 509 5.08 24.24 2.22
C THR A 509 6.33 25.10 2.08
N ILE A 510 7.27 24.99 3.01
CA ILE A 510 8.48 25.81 2.92
C ILE A 510 9.42 25.27 1.85
N ASP A 511 9.62 23.95 1.81
CA ASP A 511 10.24 23.21 0.71
C ASP A 511 11.69 23.67 0.46
N GLY A 512 12.50 23.64 1.51
CA GLY A 512 13.89 24.08 1.41
C GLY A 512 14.84 23.09 0.76
N ILE A 513 14.34 21.97 0.25
CA ILE A 513 15.19 20.88 -0.20
C ILE A 513 15.69 21.18 -1.62
N ARG A 514 16.99 20.93 -1.86
CA ARG A 514 17.65 21.35 -3.09
C ARG A 514 18.58 20.33 -3.71
N TYR A 515 18.67 19.11 -3.18
CA TYR A 515 19.48 18.06 -3.78
C TYR A 515 18.69 16.76 -3.80
N VAL A 516 18.79 16.03 -4.91
CA VAL A 516 18.05 14.79 -5.11
C VAL A 516 19.02 13.73 -5.60
N ILE A 517 18.99 12.55 -4.98
CA ILE A 517 19.75 11.39 -5.41
C ILE A 517 18.77 10.33 -5.84
N ASP A 518 18.99 9.76 -7.03
CA ASP A 518 18.01 8.90 -7.68
C ASP A 518 18.68 7.65 -8.22
N PRO A 519 18.54 6.51 -7.53
CA PRO A 519 19.02 5.25 -8.09
C PRO A 519 18.22 4.78 -9.28
N GLY A 520 16.92 5.07 -9.32
CA GLY A 520 16.09 4.71 -10.45
C GLY A 520 15.39 3.38 -10.36
N PHE A 521 15.15 2.87 -9.16
CA PHE A 521 14.43 1.61 -8.96
C PHE A 521 13.16 1.87 -8.18
N VAL A 522 12.15 1.03 -8.43
CA VAL A 522 10.89 1.10 -7.72
C VAL A 522 10.37 -0.32 -7.52
N LYS A 523 9.79 -0.60 -6.35
CA LYS A 523 9.13 -1.87 -6.11
C LYS A 523 7.71 -1.84 -6.66
N GLU A 524 7.34 -2.89 -7.40
CA GLU A 524 6.00 -3.02 -7.91
C GLU A 524 5.49 -4.44 -7.64
N ASN A 525 4.18 -4.57 -7.64
CA ASN A 525 3.54 -5.88 -7.47
C ASN A 525 3.24 -6.46 -8.85
N SER A 526 4.30 -6.95 -9.49
CA SER A 526 4.19 -7.47 -10.85
C SER A 526 3.39 -8.77 -10.88
N TYR A 527 2.55 -8.90 -11.89
CA TYR A 527 1.66 -10.05 -12.02
C TYR A 527 2.44 -11.31 -12.36
N VAL A 528 2.08 -12.41 -11.72
CA VAL A 528 2.67 -13.72 -11.98
C VAL A 528 1.78 -14.43 -12.99
N PRO A 529 2.33 -15.02 -14.06
CA PRO A 529 1.46 -15.72 -15.01
C PRO A 529 0.91 -17.05 -14.50
N SER A 530 1.74 -17.83 -13.80
CA SER A 530 1.32 -19.19 -13.44
C SER A 530 0.25 -19.19 -12.36
N THR A 531 0.44 -18.40 -11.30
CA THR A 531 -0.55 -18.29 -10.24
C THR A 531 -1.32 -16.99 -10.41
N GLY A 532 -2.36 -16.83 -9.60
CA GLY A 532 -3.22 -15.66 -9.75
C GLY A 532 -2.60 -14.38 -9.20
N MET A 533 -1.92 -14.48 -8.06
CA MET A 533 -1.47 -13.29 -7.35
C MET A 533 -0.22 -12.68 -7.97
N THR A 534 0.21 -11.57 -7.38
CA THR A 534 1.39 -10.84 -7.80
C THR A 534 2.57 -11.12 -6.86
N GLN A 535 3.77 -10.98 -7.40
CA GLN A 535 4.98 -11.02 -6.60
C GLN A 535 5.56 -9.61 -6.46
N LEU A 536 6.19 -9.36 -5.32
CA LEU A 536 6.77 -8.05 -5.05
C LEU A 536 8.14 -7.97 -5.73
N LEU A 537 8.22 -7.17 -6.79
CA LEU A 537 9.37 -7.14 -7.67
C LEU A 537 9.87 -5.70 -7.81
N THR A 538 11.18 -5.51 -7.70
CA THR A 538 11.78 -4.20 -7.86
C THR A 538 12.29 -4.04 -9.30
N VAL A 539 11.86 -2.97 -9.95
CA VAL A 539 12.08 -2.76 -11.37
C VAL A 539 12.70 -1.38 -11.57
N PRO A 540 13.37 -1.15 -12.70
CA PRO A 540 13.81 0.20 -13.04
C PRO A 540 12.62 1.12 -13.29
N CYS A 541 12.76 2.37 -12.87
CA CYS A 541 11.71 3.35 -13.08
C CYS A 541 11.63 3.74 -14.54
N SER A 542 10.44 4.20 -14.95
CA SER A 542 10.27 4.69 -16.30
C SER A 542 11.00 6.02 -16.47
N ARG A 543 11.21 6.39 -17.73
CA ARG A 543 11.90 7.63 -18.05
C ARG A 543 11.07 8.84 -17.62
N ALA A 544 9.75 8.73 -17.69
CA ALA A 544 8.89 9.80 -17.21
C ALA A 544 8.91 9.93 -15.70
N SER A 545 9.12 8.83 -14.97
CA SER A 545 9.16 8.88 -13.53
C SER A 545 10.50 9.39 -13.02
N VAL A 546 11.59 9.07 -13.71
CA VAL A 546 12.90 9.57 -13.34
C VAL A 546 12.98 11.08 -13.54
N ASP A 547 12.42 11.57 -14.64
CA ASP A 547 12.43 13.00 -14.94
C ASP A 547 11.61 13.79 -13.93
N GLN A 548 10.57 13.19 -13.37
CA GLN A 548 9.80 13.88 -12.34
C GLN A 548 10.55 13.92 -11.01
N ARG A 549 11.41 12.92 -10.76
CA ARG A 549 12.21 12.93 -9.53
C ARG A 549 13.31 13.98 -9.59
N ALA A 550 13.89 14.22 -10.77
CA ALA A 550 14.88 15.27 -10.92
C ALA A 550 14.25 16.65 -10.75
N GLY A 551 13.00 16.82 -11.15
CA GLY A 551 12.30 18.08 -10.99
C GLY A 551 11.91 18.42 -9.56
N ARG A 552 12.06 17.47 -8.63
CA ARG A 552 11.78 17.75 -7.22
C ARG A 552 12.79 18.73 -6.63
N ALA A 553 14.03 18.72 -7.15
CA ALA A 553 15.07 19.60 -6.63
C ALA A 553 14.76 21.07 -6.87
N GLY A 554 14.36 21.42 -8.10
CA GLY A 554 14.15 22.80 -8.46
C GLY A 554 12.77 23.35 -8.18
N ARG A 555 12.34 23.39 -6.93
CA ARG A 555 11.07 24.00 -6.57
C ARG A 555 11.23 25.45 -6.15
N VAL A 556 12.21 25.75 -5.30
CA VAL A 556 12.36 27.08 -4.72
C VAL A 556 13.65 27.70 -5.25
N GLY A 557 14.69 26.88 -5.39
CA GLY A 557 15.94 27.35 -5.95
C GLY A 557 16.49 26.36 -6.94
N PRO A 558 17.65 26.68 -7.55
CA PRO A 558 18.29 25.73 -8.45
C PRO A 558 18.80 24.51 -7.69
N GLY A 559 18.75 23.36 -8.36
CA GLY A 559 19.10 22.10 -7.72
C GLY A 559 20.06 21.30 -8.56
N LYS A 560 20.49 20.17 -7.99
CA LYS A 560 21.35 19.21 -8.66
C LYS A 560 20.77 17.82 -8.47
N CYS A 561 20.79 17.00 -9.50
CA CYS A 561 20.28 15.64 -9.44
C CYS A 561 21.40 14.67 -9.79
N PHE A 562 21.67 13.74 -8.88
CA PHE A 562 22.72 12.75 -9.05
C PHE A 562 22.08 11.39 -9.31
N ARG A 563 22.30 10.85 -10.49
CA ARG A 563 21.68 9.61 -10.92
C ARG A 563 22.72 8.50 -10.89
N ILE A 564 22.34 7.35 -10.33
CA ILE A 564 23.27 6.27 -10.01
C ILE A 564 23.30 5.31 -11.20
N PHE A 565 22.76 5.74 -12.33
CA PHE A 565 22.80 4.97 -13.56
C PHE A 565 23.38 5.81 -14.68
N THR A 566 23.97 5.15 -15.67
CA THR A 566 24.62 5.85 -16.76
C THR A 566 23.59 6.47 -17.71
N LYS A 567 24.08 7.38 -18.55
CA LYS A 567 23.19 8.07 -19.49
C LYS A 567 22.76 7.16 -20.62
N TRP A 568 23.60 6.17 -20.99
CA TRP A 568 23.22 5.22 -22.03
C TRP A 568 22.07 4.33 -21.58
N SER A 569 22.00 4.03 -20.29
CA SER A 569 20.84 3.33 -19.75
C SER A 569 19.61 4.23 -19.70
N TYR A 570 19.81 5.54 -19.53
CA TYR A 570 18.70 6.47 -19.52
C TYR A 570 18.04 6.59 -20.88
N LEU A 571 18.82 6.45 -21.96
CA LEU A 571 18.28 6.61 -23.29
C LEU A 571 17.64 5.33 -23.82
N HIS A 572 18.35 4.21 -23.69
CA HIS A 572 17.98 2.96 -24.34
C HIS A 572 17.26 1.98 -23.42
N GLU A 573 17.77 1.79 -22.19
CA GLU A 573 17.26 0.74 -21.34
C GLU A 573 15.89 1.08 -20.76
N LEU A 574 15.66 2.34 -20.44
CA LEU A 574 14.45 2.72 -19.73
C LEU A 574 13.25 2.79 -20.66
N GLU A 575 12.06 2.63 -20.09
CA GLU A 575 10.81 2.74 -20.82
C GLU A 575 10.29 4.17 -20.76
N LEU A 576 9.56 4.56 -21.81
CA LEU A 576 9.19 5.96 -22.01
C LEU A 576 8.07 6.40 -21.07
N MET A 577 7.05 5.57 -20.92
CA MET A 577 5.90 5.87 -20.08
C MET A 577 5.59 4.59 -19.30
N PRO A 578 5.26 4.70 -18.02
CA PRO A 578 4.94 3.48 -17.26
C PRO A 578 3.61 2.88 -17.70
N LYS A 579 3.56 1.55 -17.69
CA LYS A 579 2.34 0.86 -18.02
C LYS A 579 1.31 1.03 -16.91
N PRO A 580 0.03 1.08 -17.25
CA PRO A 580 -1.01 1.16 -16.22
C PRO A 580 -1.07 -0.11 -15.39
N GLU A 581 -1.44 0.06 -14.12
CA GLU A 581 -1.46 -1.06 -13.17
C GLU A 581 -2.53 -2.09 -13.53
N ILE A 582 -3.59 -1.66 -14.20
CA ILE A 582 -4.70 -2.55 -14.55
C ILE A 582 -4.30 -3.62 -15.57
N THR A 583 -3.24 -3.39 -16.33
CA THR A 583 -2.84 -4.38 -17.33
C THR A 583 -2.13 -5.59 -16.73
N ARG A 584 -1.40 -5.41 -15.62
CA ARG A 584 -0.70 -6.53 -14.99
C ARG A 584 -0.98 -6.56 -13.46
N THR A 585 -2.12 -7.15 -13.11
CA THR A 585 -2.53 -7.31 -11.71
C THR A 585 -3.48 -8.49 -11.58
N ASN A 586 -3.92 -8.73 -10.35
CA ASN A 586 -4.97 -9.68 -10.03
C ASN A 586 -6.24 -8.88 -9.81
N LEU A 587 -7.23 -9.07 -10.68
CA LEU A 587 -8.43 -8.26 -10.69
C LEU A 587 -9.52 -8.79 -9.76
N SER A 588 -9.19 -9.74 -8.89
CA SER A 588 -10.20 -10.48 -8.13
C SER A 588 -10.94 -9.60 -7.15
N ASN A 589 -10.21 -8.73 -6.44
CA ASN A 589 -10.86 -7.81 -5.51
C ASN A 589 -11.66 -6.74 -6.26
N THR A 590 -11.23 -6.39 -7.47
CA THR A 590 -11.95 -5.39 -8.26
C THR A 590 -13.22 -5.95 -8.88
N VAL A 591 -13.10 -7.10 -9.55
CA VAL A 591 -14.23 -7.70 -10.26
C VAL A 591 -15.33 -8.11 -9.29
N LEU A 592 -14.96 -8.57 -8.10
CA LEU A 592 -15.93 -8.87 -7.07
C LEU A 592 -16.61 -7.60 -6.58
N LEU A 593 -15.89 -6.49 -6.55
CA LEU A 593 -16.50 -5.23 -6.17
C LEU A 593 -17.37 -4.67 -7.31
N LEU A 594 -16.97 -4.90 -8.56
CA LEU A 594 -17.76 -4.42 -9.68
C LEU A 594 -19.03 -5.24 -9.86
N LEU A 595 -18.96 -6.55 -9.63
CA LEU A 595 -20.17 -7.36 -9.69
C LEU A 595 -21.09 -7.07 -8.52
N SER A 596 -20.53 -6.74 -7.35
CA SER A 596 -21.37 -6.40 -6.20
C SER A 596 -22.05 -5.05 -6.38
N LEU A 597 -21.44 -4.14 -7.13
CA LEU A 597 -21.96 -2.79 -7.25
C LEU A 597 -23.02 -2.68 -8.33
N GLY A 598 -23.22 -3.72 -9.14
CA GLY A 598 -24.23 -3.73 -10.17
C GLY A 598 -23.69 -3.75 -11.58
N VAL A 599 -22.37 -3.71 -11.76
CA VAL A 599 -21.77 -3.76 -13.10
C VAL A 599 -21.76 -5.22 -13.53
N THR A 600 -22.66 -5.57 -14.44
CA THR A 600 -22.84 -6.95 -14.85
C THR A 600 -21.93 -7.36 -16.00
N ASP A 601 -21.38 -6.41 -16.74
CA ASP A 601 -20.54 -6.67 -17.88
C ASP A 601 -19.12 -6.19 -17.60
N LEU A 602 -18.13 -7.03 -17.92
CA LEU A 602 -16.77 -6.79 -17.46
C LEU A 602 -15.91 -6.01 -18.44
N ILE A 603 -16.01 -6.30 -19.74
CA ILE A 603 -15.22 -5.58 -20.75
C ILE A 603 -16.07 -4.59 -21.52
N LYS A 604 -17.33 -4.41 -21.14
CA LYS A 604 -18.19 -3.38 -21.68
C LYS A 604 -18.12 -2.10 -20.85
N PHE A 605 -17.55 -2.20 -19.64
CA PHE A 605 -17.47 -1.09 -18.70
C PHE A 605 -16.55 0.00 -19.26
N PRO A 606 -16.89 1.29 -19.03
CA PRO A 606 -16.22 2.39 -19.74
C PRO A 606 -14.77 2.73 -19.37
N LEU A 607 -13.99 1.80 -18.81
CA LEU A 607 -12.59 2.03 -18.48
C LEU A 607 -11.78 2.56 -19.66
N MET A 608 -10.81 3.43 -19.35
CA MET A 608 -9.99 4.05 -20.39
C MET A 608 -8.89 3.13 -20.89
N ASP A 609 -8.43 2.20 -20.06
CA ASP A 609 -7.54 1.13 -20.49
C ASP A 609 -8.13 -0.20 -20.05
N LYS A 610 -8.20 -1.14 -20.96
CA LYS A 610 -8.83 -2.41 -20.65
C LYS A 610 -7.78 -3.43 -20.23
N PRO A 611 -8.14 -4.36 -19.33
CA PRO A 611 -7.19 -5.39 -18.91
C PRO A 611 -6.96 -6.41 -20.01
N SER A 612 -5.96 -7.25 -19.78
CA SER A 612 -5.73 -8.37 -20.68
C SER A 612 -6.84 -9.41 -20.50
N ILE A 613 -7.19 -10.06 -21.60
CA ILE A 613 -8.16 -11.15 -21.58
C ILE A 613 -7.63 -12.37 -20.82
N PRO A 614 -6.37 -12.85 -21.00
CA PRO A 614 -5.91 -13.92 -20.09
C PRO A 614 -5.75 -13.50 -18.64
N THR A 615 -5.56 -12.20 -18.37
CA THR A 615 -5.59 -11.73 -16.99
C THR A 615 -6.99 -11.86 -16.41
N LEU A 616 -8.01 -11.48 -17.18
CA LEU A 616 -9.38 -11.50 -16.68
C LEU A 616 -9.97 -12.91 -16.62
N ARG A 617 -9.58 -13.79 -17.56
CA ARG A 617 -10.02 -15.18 -17.47
C ARG A 617 -9.42 -15.88 -16.27
N LYS A 618 -8.15 -15.60 -15.97
CA LYS A 618 -7.51 -16.19 -14.80
C LYS A 618 -8.11 -15.64 -13.51
N SER A 619 -8.52 -14.38 -13.53
CA SER A 619 -9.11 -13.79 -12.33
C SER A 619 -10.54 -14.24 -12.10
N LEU A 620 -11.28 -14.57 -13.16
CA LEU A 620 -12.63 -15.08 -12.97
C LEU A 620 -12.63 -16.52 -12.50
N GLU A 621 -11.69 -17.33 -12.99
CA GLU A 621 -11.65 -18.72 -12.54
C GLU A 621 -11.01 -18.86 -11.16
N ASN A 622 -10.24 -17.87 -10.72
CA ASN A 622 -9.80 -17.87 -9.33
C ASN A 622 -10.90 -17.40 -8.39
N LEU A 623 -11.86 -16.65 -8.89
CA LEU A 623 -13.02 -16.31 -8.08
C LEU A 623 -14.04 -17.44 -8.02
N TYR A 624 -14.10 -18.28 -9.05
CA TYR A 624 -15.03 -19.40 -9.02
C TYR A 624 -14.55 -20.50 -8.09
N ILE A 625 -13.25 -20.79 -8.11
CA ILE A 625 -12.68 -21.79 -7.22
C ILE A 625 -12.72 -21.31 -5.77
N LEU A 626 -12.55 -20.01 -5.56
CA LEU A 626 -12.67 -19.43 -4.23
C LEU A 626 -14.11 -19.49 -3.71
N GLY A 627 -15.09 -19.64 -4.59
CA GLY A 627 -16.47 -19.77 -4.19
C GLY A 627 -17.27 -18.49 -4.20
N ALA A 628 -16.72 -17.41 -4.75
CA ALA A 628 -17.42 -16.13 -4.76
C ALA A 628 -18.34 -15.98 -5.95
N LEU A 629 -18.22 -16.84 -6.96
CA LEU A 629 -19.04 -16.79 -8.15
C LEU A 629 -19.74 -18.12 -8.39
N ASN A 630 -20.88 -18.06 -9.06
CA ASN A 630 -21.61 -19.25 -9.48
C ASN A 630 -20.96 -19.85 -10.72
N SER A 631 -21.58 -20.92 -11.22
CA SER A 631 -21.12 -21.51 -12.48
C SER A 631 -21.47 -20.60 -13.66
N LYS A 632 -22.54 -19.82 -13.53
CA LYS A 632 -22.91 -18.88 -14.59
C LYS A 632 -21.93 -17.70 -14.63
N GLY A 633 -21.51 -17.23 -13.46
CA GLY A 633 -20.68 -16.04 -13.35
C GLY A 633 -21.25 -14.96 -12.46
N THR A 634 -22.41 -15.17 -11.85
CA THR A 634 -23.00 -14.17 -10.97
C THR A 634 -22.36 -14.23 -9.59
N ILE A 635 -22.43 -13.12 -8.87
CA ILE A 635 -21.96 -13.09 -7.51
C ILE A 635 -22.92 -13.89 -6.63
N THR A 636 -22.36 -14.60 -5.64
CA THR A 636 -23.15 -15.41 -4.73
C THR A 636 -23.24 -14.72 -3.38
N ARG A 637 -23.88 -15.39 -2.42
CA ARG A 637 -24.03 -14.83 -1.09
C ARG A 637 -22.70 -14.77 -0.35
N LEU A 638 -21.79 -15.70 -0.67
CA LEU A 638 -20.43 -15.60 -0.15
C LEU A 638 -19.68 -14.43 -0.77
N GLY A 639 -19.90 -14.17 -2.08
CA GLY A 639 -19.27 -13.03 -2.72
C GLY A 639 -19.79 -11.70 -2.21
N LYS A 640 -21.07 -11.63 -1.84
CA LYS A 640 -21.58 -10.46 -1.15
C LYS A 640 -20.97 -10.35 0.24
N MET A 641 -20.63 -11.48 0.84
CA MET A 641 -20.06 -11.48 2.19
C MET A 641 -18.61 -11.03 2.18
N MET A 642 -17.86 -11.40 1.13
CA MET A 642 -16.45 -11.01 1.02
C MET A 642 -16.29 -9.51 0.83
N CYS A 643 -17.26 -8.85 0.20
CA CYS A 643 -17.19 -7.40 -0.02
C CYS A 643 -17.43 -6.61 1.25
N GLU A 644 -18.00 -7.22 2.29
CA GLU A 644 -18.19 -6.51 3.55
C GLU A 644 -16.88 -6.35 4.30
N PHE A 645 -15.97 -7.31 4.16
CA PHE A 645 -14.77 -7.30 4.98
C PHE A 645 -13.73 -6.34 4.38
N PRO A 646 -13.09 -5.52 5.22
CA PRO A 646 -12.05 -4.59 4.73
C PRO A 646 -10.69 -5.28 4.54
N CYS A 647 -10.66 -6.28 3.68
CA CYS A 647 -9.46 -7.05 3.42
C CYS A 647 -9.60 -7.72 2.07
N GLU A 648 -8.58 -8.52 1.73
CA GLU A 648 -8.57 -9.27 0.49
C GLU A 648 -9.69 -10.31 0.50
N PRO A 649 -10.28 -10.64 -0.65
CA PRO A 649 -11.29 -11.72 -0.68
C PRO A 649 -10.78 -13.08 -0.27
N GLU A 650 -9.48 -13.36 -0.43
CA GLU A 650 -8.95 -14.65 0.01
C GLU A 650 -8.83 -14.73 1.53
N PHE A 651 -8.58 -13.60 2.19
CA PHE A 651 -8.65 -13.57 3.64
C PHE A 651 -10.08 -13.73 4.15
N ALA A 652 -11.07 -13.26 3.39
CA ALA A 652 -12.45 -13.43 3.80
C ALA A 652 -12.91 -14.87 3.69
N LYS A 653 -12.39 -15.62 2.71
CA LYS A 653 -12.73 -17.03 2.58
C LYS A 653 -12.21 -17.83 3.77
N VAL A 654 -11.07 -17.44 4.33
CA VAL A 654 -10.51 -18.12 5.50
C VAL A 654 -11.41 -17.89 6.71
N LEU A 655 -11.90 -16.67 6.89
CA LEU A 655 -12.80 -16.40 8.00
C LEU A 655 -14.19 -17.01 7.78
N TYR A 656 -14.55 -17.28 6.53
CA TYR A 656 -15.80 -17.98 6.24
C TYR A 656 -15.66 -19.47 6.50
N THR A 657 -14.53 -20.05 6.10
CA THR A 657 -14.28 -21.47 6.33
C THR A 657 -14.15 -21.78 7.81
N ALA A 658 -13.61 -20.83 8.58
CA ALA A 658 -13.39 -21.05 10.00
C ALA A 658 -14.69 -21.10 10.79
N ALA A 659 -15.76 -20.49 10.29
CA ALA A 659 -17.01 -20.48 11.04
C ALA A 659 -18.05 -21.44 10.50
N THR A 660 -17.95 -21.86 9.25
CA THR A 660 -19.03 -22.59 8.59
C THR A 660 -18.67 -24.00 8.14
N HIS A 661 -17.42 -24.28 7.80
CA HIS A 661 -17.09 -25.53 7.12
C HIS A 661 -17.13 -26.69 8.11
N GLU A 662 -17.67 -27.83 7.65
CA GLU A 662 -17.98 -28.93 8.54
C GLU A 662 -16.72 -29.61 9.09
N GLN A 663 -15.60 -29.52 8.37
CA GLN A 663 -14.34 -30.02 8.89
C GLN A 663 -13.53 -28.96 9.62
N CYS A 664 -13.95 -27.70 9.54
CA CYS A 664 -13.11 -26.58 9.96
C CYS A 664 -13.74 -25.67 11.01
N GLN A 665 -15.03 -25.81 11.31
CA GLN A 665 -15.74 -24.82 12.10
C GLN A 665 -15.26 -24.80 13.55
N GLY A 666 -15.38 -23.62 14.17
CA GLY A 666 -15.02 -23.42 15.55
C GLY A 666 -13.75 -22.62 15.79
N VAL A 667 -12.98 -22.31 14.75
CA VAL A 667 -11.68 -21.68 14.94
C VAL A 667 -11.62 -20.29 14.34
N LEU A 668 -12.75 -19.57 14.35
CA LEU A 668 -12.76 -18.21 13.82
C LEU A 668 -11.96 -17.25 14.68
N GLU A 669 -12.05 -17.40 16.02
CA GLU A 669 -11.32 -16.51 16.93
C GLU A 669 -9.82 -16.68 16.78
N GLU A 670 -9.36 -17.89 16.48
CA GLU A 670 -7.95 -18.11 16.21
C GLU A 670 -7.56 -17.59 14.83
N CYS A 671 -8.46 -17.70 13.85
CA CYS A 671 -8.13 -17.25 12.49
C CYS A 671 -8.20 -15.73 12.36
N LEU A 672 -9.07 -15.06 13.14
CA LEU A 672 -9.06 -13.59 13.19
C LEU A 672 -7.74 -13.08 13.73
N THR A 673 -7.11 -13.83 14.62
CA THR A 673 -5.80 -13.47 15.14
C THR A 673 -4.72 -13.59 14.07
N ILE A 674 -4.72 -14.67 13.30
CA ILE A 674 -3.65 -14.92 12.34
C ILE A 674 -3.75 -13.98 11.14
N VAL A 675 -4.98 -13.67 10.72
CA VAL A 675 -5.18 -12.76 9.60
C VAL A 675 -4.78 -11.33 9.96
N SER A 676 -5.03 -10.93 11.21
CA SER A 676 -4.59 -9.62 11.68
C SER A 676 -3.07 -9.54 11.78
N MET A 677 -2.41 -10.65 12.11
CA MET A 677 -0.96 -10.68 12.19
C MET A 677 -0.30 -10.66 10.83
N LEU A 678 -0.94 -11.24 9.81
CA LEU A 678 -0.36 -11.29 8.48
C LEU A 678 -0.35 -9.94 7.78
N HIS A 679 -1.17 -8.99 8.23
CA HIS A 679 -1.16 -7.67 7.62
C HIS A 679 0.07 -6.86 8.03
N GLU A 680 0.59 -7.09 9.23
CA GLU A 680 1.69 -6.32 9.77
C GLU A 680 2.96 -7.15 9.95
N THR A 681 3.15 -8.15 9.10
CA THR A 681 4.28 -9.09 9.24
C THR A 681 5.68 -8.48 9.17
N PRO A 682 6.05 -7.60 8.21
CA PRO A 682 7.45 -7.16 8.17
C PRO A 682 7.90 -6.29 9.33
N SER A 683 6.98 -5.67 10.07
CA SER A 683 7.35 -4.81 11.17
C SER A 683 6.93 -5.37 12.53
N LEU A 684 6.88 -6.70 12.68
CA LEU A 684 6.44 -7.30 13.94
C LEU A 684 7.51 -7.20 15.01
N PHE A 685 8.75 -7.58 14.69
CA PHE A 685 9.75 -7.85 15.69
C PHE A 685 11.04 -7.08 15.42
N ILE A 686 11.69 -6.66 16.51
CA ILE A 686 13.03 -6.11 16.44
C ILE A 686 14.05 -7.24 16.40
N GLY A 687 15.07 -7.10 15.56
CA GLY A 687 16.09 -8.10 15.46
C GLY A 687 15.68 -9.29 14.62
N GLN A 688 16.45 -10.37 14.78
CA GLN A 688 16.20 -11.61 14.06
C GLN A 688 14.94 -12.28 14.60
N LYS A 689 14.26 -13.02 13.72
CA LYS A 689 13.00 -13.65 14.09
C LYS A 689 13.21 -14.82 15.04
N ARG A 690 14.26 -15.63 14.80
CA ARG A 690 14.48 -16.85 15.58
C ARG A 690 14.77 -16.53 17.04
N ASP A 691 15.47 -15.44 17.31
CA ASP A 691 15.74 -15.06 18.68
C ASP A 691 14.47 -14.54 19.37
N ALA A 692 13.52 -14.03 18.60
CA ALA A 692 12.22 -13.68 19.15
C ALA A 692 11.27 -14.88 19.18
N ALA A 693 11.44 -15.83 18.27
CA ALA A 693 10.54 -16.97 18.20
C ALA A 693 10.77 -17.95 19.34
N ALA A 694 12.03 -18.28 19.63
CA ALA A 694 12.33 -19.25 20.67
C ALA A 694 12.02 -18.72 22.07
N SER A 695 12.02 -17.39 22.24
CA SER A 695 11.56 -16.81 23.49
C SER A 695 10.06 -17.00 23.67
N VAL A 696 9.30 -16.92 22.59
CA VAL A 696 7.85 -17.06 22.67
C VAL A 696 7.46 -18.53 22.81
N LEU A 697 7.80 -19.34 21.81
CA LEU A 697 7.44 -20.75 21.84
C LEU A 697 8.41 -21.52 20.94
N SER A 698 8.90 -22.63 21.45
CA SER A 698 9.86 -23.45 20.72
C SER A 698 9.14 -24.51 19.90
N GLU A 699 9.93 -25.16 19.01
CA GLU A 699 9.54 -26.16 18.01
C GLU A 699 8.22 -25.87 17.29
N VAL A 700 8.00 -24.61 16.94
CA VAL A 700 6.82 -24.21 16.16
C VAL A 700 7.07 -24.57 14.70
N GLU A 701 6.19 -25.39 14.13
CA GLU A 701 6.47 -25.97 12.82
C GLU A 701 6.19 -25.00 11.69
N SER A 702 5.15 -24.19 11.81
CA SER A 702 4.72 -23.32 10.71
C SER A 702 4.58 -21.89 11.21
N ASP A 703 4.63 -20.96 10.26
CA ASP A 703 4.76 -19.55 10.59
C ASP A 703 3.43 -18.95 11.05
N HIS A 704 2.31 -19.49 10.59
CA HIS A 704 1.00 -18.98 10.99
C HIS A 704 0.70 -19.29 12.44
N ILE A 705 1.18 -20.44 12.94
CA ILE A 705 0.93 -20.83 14.32
C ILE A 705 1.78 -19.99 15.27
N LEU A 706 2.97 -19.59 14.83
CA LEU A 706 3.81 -18.70 15.61
C LEU A 706 3.15 -17.35 15.82
N TYR A 707 2.46 -16.83 14.80
CA TYR A 707 1.77 -15.55 14.91
C TYR A 707 0.57 -15.65 15.83
N LEU A 708 -0.04 -16.83 15.92
CA LEU A 708 -1.15 -17.05 16.84
C LEU A 708 -0.69 -17.03 18.28
N GLU A 709 0.49 -17.60 18.55
CA GLU A 709 0.96 -17.71 19.92
C GLU A 709 1.42 -16.37 20.49
N ILE A 710 1.99 -15.52 19.64
CA ILE A 710 2.47 -14.21 20.08
C ILE A 710 1.32 -13.34 20.55
N PHE A 711 0.21 -13.32 19.79
CA PHE A 711 -0.91 -12.47 20.17
C PHE A 711 -1.66 -13.03 21.38
N ASN A 712 -1.73 -14.36 21.50
CA ASN A 712 -2.43 -14.96 22.63
C ASN A 712 -1.70 -14.72 23.94
N GLN A 713 -0.38 -14.86 23.93
CA GLN A 713 0.41 -14.55 25.12
C GLN A 713 0.42 -13.07 25.41
N TRP A 714 0.29 -12.23 24.39
CA TRP A 714 0.21 -10.79 24.60
C TRP A 714 -1.13 -10.41 25.22
N ARG A 715 -2.20 -11.15 24.90
CA ARG A 715 -3.48 -10.95 25.60
C ARG A 715 -3.35 -11.31 27.08
N ASN A 716 -2.62 -12.39 27.37
CA ASN A 716 -2.53 -12.91 28.72
C ASN A 716 -1.71 -12.01 29.63
N SER A 717 -0.86 -11.16 29.05
CA SER A 717 -0.12 -10.15 29.81
C SER A 717 -0.87 -8.83 29.86
N LYS A 718 -2.16 -8.82 29.56
CA LYS A 718 -3.04 -7.63 29.54
C LYS A 718 -2.52 -6.57 28.58
N PHE A 719 -1.99 -7.01 27.43
CA PHE A 719 -1.57 -6.15 26.31
C PHE A 719 -0.48 -5.17 26.72
N SER A 720 0.43 -5.61 27.57
CA SER A 720 1.36 -4.70 28.21
C SER A 720 2.54 -4.38 27.30
N ARG A 721 3.10 -3.18 27.49
CA ARG A 721 4.30 -2.79 26.77
C ARG A 721 5.50 -3.62 27.23
N SER A 722 5.56 -3.92 28.53
CA SER A 722 6.70 -4.63 29.12
C SER A 722 6.80 -6.06 28.62
N TRP A 723 5.70 -6.65 28.16
CA TRP A 723 5.75 -7.98 27.57
C TRP A 723 6.53 -7.96 26.25
N CYS A 724 6.33 -6.93 25.44
CA CYS A 724 6.87 -6.93 24.09
C CYS A 724 8.37 -6.67 24.05
N GLN A 725 8.89 -5.88 25.00
CA GLN A 725 10.34 -5.71 25.10
C GLN A 725 11.02 -7.01 25.52
N ASP A 726 10.38 -7.76 26.42
CA ASP A 726 11.00 -8.98 26.93
C ASP A 726 11.04 -10.08 25.88
N HIS A 727 10.13 -10.06 24.91
CA HIS A 727 10.09 -11.07 23.87
C HIS A 727 10.50 -10.52 22.50
N LYS A 728 10.99 -9.28 22.46
CA LYS A 728 11.56 -8.65 21.25
C LYS A 728 10.54 -8.52 20.13
N ILE A 729 9.38 -7.94 20.47
CA ILE A 729 8.30 -7.67 19.53
C ILE A 729 8.04 -6.17 19.55
N GLN A 730 7.84 -5.57 18.38
CA GLN A 730 7.56 -4.14 18.32
C GLN A 730 6.16 -3.87 18.85
N PHE A 731 6.08 -3.02 19.89
CA PHE A 731 4.82 -2.82 20.58
C PHE A 731 3.85 -1.97 19.78
N LYS A 732 4.38 -1.01 19.00
CA LYS A 732 3.52 -0.19 18.17
C LYS A 732 2.87 -0.98 17.05
N THR A 733 3.52 -2.07 16.63
CA THR A 733 2.92 -2.96 15.65
C THR A 733 1.74 -3.72 16.24
N MET A 734 1.88 -4.17 17.49
CA MET A 734 0.83 -5.01 18.09
C MET A 734 -0.42 -4.20 18.42
N LEU A 735 -0.29 -2.89 18.65
CA LEU A 735 -1.47 -2.07 18.79
C LEU A 735 -2.15 -1.86 17.43
N ARG A 736 -1.39 -1.92 16.34
CA ARG A 736 -2.01 -1.93 15.03
C ARG A 736 -2.69 -3.27 14.75
N VAL A 737 -2.09 -4.37 15.19
CA VAL A 737 -2.67 -5.70 14.97
C VAL A 737 -3.94 -5.88 15.80
N ARG A 738 -3.94 -5.37 17.03
CA ARG A 738 -5.16 -5.41 17.83
C ARG A 738 -6.25 -4.52 17.24
N ASN A 739 -5.86 -3.44 16.57
CA ASN A 739 -6.83 -2.56 15.94
C ASN A 739 -7.44 -3.22 14.71
N ILE A 740 -6.63 -3.95 13.93
CA ILE A 740 -7.14 -4.69 12.77
C ILE A 740 -8.13 -5.76 13.21
N ARG A 741 -7.84 -6.42 14.34
CA ARG A 741 -8.73 -7.46 14.86
C ARG A 741 -10.07 -6.88 15.30
N ASN A 742 -10.05 -5.68 15.88
CA ASN A 742 -11.31 -5.02 16.26
C ASN A 742 -12.14 -4.67 15.02
N GLN A 743 -11.48 -4.35 13.91
CA GLN A 743 -12.23 -4.08 12.69
C GLN A 743 -12.77 -5.38 12.09
N LEU A 744 -11.99 -6.46 12.13
CA LEU A 744 -12.44 -7.72 11.55
C LEU A 744 -13.47 -8.42 12.44
N PHE A 745 -13.49 -8.12 13.74
CA PHE A 745 -14.47 -8.75 14.61
C PHE A 745 -15.85 -8.09 14.50
N ARG A 746 -15.89 -6.76 14.36
CA ARG A 746 -17.16 -6.07 14.21
C ARG A 746 -17.83 -6.43 12.89
N CYS A 747 -17.03 -6.65 11.85
CA CYS A 747 -17.58 -7.08 10.56
C CYS A 747 -18.06 -8.52 10.61
N SER A 748 -17.46 -9.35 11.46
CA SER A 748 -17.92 -10.74 11.57
C SER A 748 -19.21 -10.86 12.36
N GLU A 749 -19.43 -9.97 13.34
CA GLU A 749 -20.74 -9.90 13.99
C GLU A 749 -21.81 -9.43 13.02
N LYS A 750 -21.50 -8.41 12.23
CA LYS A 750 -22.47 -7.82 11.32
C LYS A 750 -22.87 -8.80 10.23
N VAL A 751 -21.90 -9.54 9.70
CA VAL A 751 -22.20 -10.65 8.80
C VAL A 751 -22.96 -11.74 9.55
N GLY A 752 -22.52 -12.06 10.76
CA GLY A 752 -23.12 -13.12 11.54
C GLY A 752 -22.26 -14.36 11.69
N LEU A 753 -20.96 -14.27 11.40
CA LEU A 753 -20.09 -15.43 11.54
C LEU A 753 -19.76 -15.72 13.01
N VAL A 754 -19.89 -14.72 13.88
CA VAL A 754 -19.55 -14.91 15.29
C VAL A 754 -20.58 -15.81 15.97
N GLU A 755 -21.86 -15.60 15.66
CA GLU A 755 -22.91 -16.44 16.26
C GLU A 755 -22.84 -17.86 15.72
N LYS A 756 -22.52 -18.03 14.44
CA LYS A 756 -22.30 -19.35 13.90
C LYS A 756 -21.04 -20.01 14.44
N ASN A 757 -20.06 -19.19 14.85
CA ASN A 757 -18.85 -19.73 15.46
C ASN A 757 -19.13 -20.32 16.83
N ASP A 758 -19.95 -19.62 17.63
CA ASP A 758 -20.19 -20.03 19.01
C ASP A 758 -20.99 -21.33 19.07
N GLN A 759 -21.93 -21.52 18.15
CA GLN A 759 -22.69 -22.76 18.11
C GLN A 759 -21.83 -23.93 17.69
N ALA A 760 -20.88 -23.71 16.78
CA ALA A 760 -19.94 -24.76 16.43
C ALA A 760 -18.97 -25.05 17.57
N ARG A 761 -18.67 -24.03 18.38
CA ARG A 761 -17.82 -24.22 19.55
C ARG A 761 -18.59 -24.88 20.70
N MET A 762 -19.85 -24.50 20.88
CA MET A 762 -20.67 -25.08 21.93
C MET A 762 -21.00 -26.55 21.66
N LYS A 763 -21.05 -26.94 20.38
CA LYS A 763 -21.38 -28.32 20.05
C LYS A 763 -20.16 -29.21 19.86
N ILE A 764 -19.02 -28.65 19.44
CA ILE A 764 -17.80 -29.42 19.25
C ILE A 764 -16.64 -28.64 19.83
N GLY A 765 -15.94 -29.22 20.80
CA GLY A 765 -14.78 -28.57 21.39
C GLY A 765 -13.51 -29.40 21.28
N ASN A 766 -12.57 -28.95 20.45
CA ASN A 766 -11.28 -29.62 20.29
C ASN A 766 -10.22 -28.78 20.98
N ILE A 767 -9.74 -29.27 22.12
CA ILE A 767 -8.74 -28.56 22.92
C ILE A 767 -7.46 -29.39 22.80
N ALA A 768 -7.22 -29.90 21.60
CA ALA A 768 -6.14 -30.86 21.36
C ALA A 768 -5.39 -30.41 20.11
N GLY A 769 -4.57 -31.30 19.56
CA GLY A 769 -3.82 -31.06 18.34
C GLY A 769 -4.66 -30.85 17.10
N TYR A 770 -5.98 -31.06 17.18
CA TYR A 770 -6.86 -30.81 16.05
C TYR A 770 -7.03 -29.32 15.79
N ILE A 771 -6.91 -28.48 16.84
CA ILE A 771 -7.26 -27.07 16.73
C ILE A 771 -6.26 -26.30 15.86
N ASN A 772 -5.06 -26.83 15.65
CA ASN A 772 -4.13 -26.27 14.68
C ASN A 772 -4.18 -27.00 13.35
N ALA A 773 -4.82 -28.16 13.30
CA ALA A 773 -5.08 -28.85 12.05
C ALA A 773 -6.27 -28.23 11.33
N ARG A 774 -7.26 -27.75 12.08
CA ARG A 774 -8.41 -27.11 11.47
C ARG A 774 -8.03 -25.75 10.89
N ILE A 775 -7.13 -25.03 11.55
CA ILE A 775 -6.64 -23.74 11.05
C ILE A 775 -5.91 -23.91 9.73
N THR A 776 -5.10 -24.98 9.62
CA THR A 776 -4.40 -25.28 8.38
C THR A 776 -5.37 -25.55 7.24
N ARG A 777 -6.50 -26.18 7.54
CA ARG A 777 -7.53 -26.43 6.54
C ARG A 777 -8.23 -25.15 6.12
N CYS A 778 -8.32 -24.16 7.01
CA CYS A 778 -8.99 -22.90 6.68
C CYS A 778 -8.20 -22.10 5.66
N PHE A 779 -6.88 -22.19 5.70
CA PHE A 779 -6.03 -21.44 4.78
C PHE A 779 -5.85 -22.14 3.44
N ILE A 780 -6.06 -23.45 3.36
CA ILE A 780 -6.02 -24.13 2.08
C ILE A 780 -7.21 -23.73 1.22
N SER A 781 -8.39 -23.60 1.85
CA SER A 781 -9.56 -23.15 1.12
C SER A 781 -9.45 -21.68 0.73
N GLY A 782 -8.77 -20.88 1.53
CA GLY A 782 -8.59 -19.49 1.18
C GLY A 782 -7.53 -19.26 0.13
N PHE A 783 -6.47 -20.07 0.14
CA PHE A 783 -5.32 -19.86 -0.74
C PHE A 783 -4.89 -21.14 -1.47
N PRO A 784 -5.74 -21.69 -2.35
CA PRO A 784 -5.36 -22.94 -3.01
C PRO A 784 -4.32 -22.77 -4.10
N MET A 785 -4.10 -21.55 -4.59
CA MET A 785 -3.12 -21.30 -5.63
C MET A 785 -1.71 -21.13 -5.08
N ASN A 786 -1.59 -20.80 -3.79
CA ASN A 786 -0.29 -20.63 -3.15
C ASN A 786 0.18 -21.92 -2.49
N ILE A 787 0.17 -23.03 -3.21
CA ILE A 787 0.61 -24.31 -2.67
C ILE A 787 1.83 -24.75 -3.46
N VAL A 788 2.84 -25.24 -2.75
CA VAL A 788 4.15 -25.55 -3.32
C VAL A 788 4.51 -26.98 -2.96
N GLN A 789 4.98 -27.73 -3.95
CA GLN A 789 5.32 -29.15 -3.80
C GLN A 789 6.83 -29.31 -3.77
N LEU A 790 7.32 -30.13 -2.83
CA LEU A 790 8.73 -30.46 -2.78
C LEU A 790 9.10 -31.36 -3.96
N GLY A 791 10.28 -31.13 -4.53
CA GLY A 791 10.75 -31.92 -5.64
C GLY A 791 12.22 -32.25 -5.53
N PRO A 792 12.75 -32.93 -6.54
CA PRO A 792 14.21 -33.16 -6.57
C PRO A 792 15.00 -31.88 -6.76
N THR A 793 14.52 -30.99 -7.62
CA THR A 793 15.19 -29.72 -7.86
C THR A 793 14.97 -28.76 -6.69
N GLY A 794 13.92 -28.95 -5.93
CA GLY A 794 13.61 -28.08 -4.81
C GLY A 794 12.11 -27.92 -4.69
N TYR A 795 11.71 -26.91 -3.92
CA TYR A 795 10.32 -26.47 -3.91
C TYR A 795 9.89 -25.98 -5.29
N GLN A 796 8.61 -26.19 -5.59
CA GLN A 796 8.09 -25.99 -6.93
C GLN A 796 6.59 -25.78 -6.83
N THR A 797 6.07 -24.84 -7.62
CA THR A 797 4.67 -24.45 -7.52
C THR A 797 3.77 -25.57 -8.06
N MET A 798 2.66 -25.82 -7.36
CA MET A 798 1.77 -26.94 -7.67
C MET A 798 1.13 -26.81 -9.04
N GLY A 799 0.81 -25.58 -9.46
CA GLY A 799 -0.06 -25.27 -10.58
C GLY A 799 0.15 -25.97 -11.91
N ARG A 800 -0.96 -26.35 -12.54
CA ARG A 800 -0.93 -27.12 -13.78
C ARG A 800 -0.67 -26.26 -15.02
N SER A 801 -0.78 -24.94 -14.91
CA SER A 801 -0.54 -24.07 -16.06
C SER A 801 0.95 -24.02 -16.41
N SER A 802 1.81 -24.16 -15.42
CA SER A 802 3.26 -24.12 -15.63
C SER A 802 3.88 -25.46 -15.27
N GLY A 803 4.97 -25.80 -15.96
CA GLY A 803 5.74 -26.98 -15.58
C GLY A 803 6.42 -26.83 -14.24
N GLY A 804 7.00 -25.65 -13.98
CA GLY A 804 7.62 -25.38 -12.71
C GLY A 804 8.05 -23.93 -12.53
N LEU A 805 8.05 -23.45 -11.29
CA LEU A 805 8.51 -22.10 -10.99
C LEU A 805 9.78 -22.09 -10.15
N ASN A 806 10.06 -23.17 -9.42
CA ASN A 806 11.30 -23.39 -8.66
C ASN A 806 11.54 -22.30 -7.61
N VAL A 807 10.53 -22.09 -6.77
CA VAL A 807 10.59 -21.18 -5.64
C VAL A 807 11.47 -21.72 -4.52
N SER A 808 11.79 -20.88 -3.55
CA SER A 808 12.53 -21.30 -2.37
C SER A 808 12.04 -20.52 -1.16
N VAL A 809 12.39 -21.01 0.02
CA VAL A 809 11.94 -20.42 1.28
C VAL A 809 12.79 -19.19 1.59
N HIS A 810 12.13 -18.09 1.98
CA HIS A 810 12.85 -16.90 2.38
C HIS A 810 13.52 -17.15 3.73
N PRO A 811 14.73 -16.62 3.95
CA PRO A 811 15.47 -16.93 5.18
C PRO A 811 14.86 -16.38 6.47
N THR A 812 13.94 -15.42 6.39
CA THR A 812 13.35 -14.90 7.62
C THR A 812 12.31 -15.84 8.21
N SER A 813 11.59 -16.58 7.38
CA SER A 813 10.48 -17.40 7.85
C SER A 813 10.97 -18.59 8.67
N ILE A 814 10.09 -19.10 9.52
CA ILE A 814 10.46 -20.11 10.51
C ILE A 814 10.74 -21.46 9.87
N LEU A 815 10.27 -21.69 8.64
CA LEU A 815 10.48 -22.97 7.98
C LEU A 815 11.92 -23.11 7.50
N PHE A 816 12.58 -21.98 7.22
CA PHE A 816 14.00 -22.01 6.90
C PHE A 816 14.83 -22.28 8.14
N VAL A 817 14.37 -21.77 9.29
CA VAL A 817 15.06 -21.98 10.56
C VAL A 817 15.03 -23.46 10.94
N ASN A 818 13.86 -24.11 10.75
CA ASN A 818 13.73 -25.51 11.14
C ASN A 818 14.58 -26.44 10.27
N HIS A 819 14.86 -26.05 9.03
CA HIS A 819 15.69 -26.91 8.18
C HIS A 819 17.18 -26.70 8.45
N LYS A 820 17.59 -25.46 8.76
CA LYS A 820 19.00 -25.19 9.00
C LYS A 820 19.42 -25.55 10.42
N GLU A 821 18.74 -24.98 11.42
CA GLU A 821 19.11 -25.13 12.81
C GLU A 821 18.14 -26.07 13.50
N LYS A 822 18.68 -27.10 14.17
CA LYS A 822 17.92 -28.25 14.66
C LYS A 822 17.08 -28.87 13.55
N ALA A 823 17.79 -29.43 12.58
CA ALA A 823 17.24 -29.79 11.28
C ALA A 823 16.17 -30.87 11.37
N GLN A 824 15.00 -30.57 10.85
CA GLN A 824 13.94 -31.53 10.62
C GLN A 824 13.85 -31.88 9.14
N ARG A 825 13.11 -32.94 8.84
CA ARG A 825 12.88 -33.35 7.48
C ARG A 825 12.02 -32.30 6.76
N PRO A 826 12.37 -31.93 5.52
CA PRO A 826 11.57 -30.93 4.80
C PRO A 826 10.20 -31.43 4.42
N SER A 827 9.24 -30.51 4.44
CA SER A 827 7.84 -30.85 4.24
C SER A 827 7.51 -31.00 2.76
N LYS A 828 6.57 -31.90 2.46
CA LYS A 828 6.23 -32.17 1.07
C LYS A 828 5.37 -31.05 0.47
N TYR A 829 4.47 -30.47 1.25
CA TYR A 829 3.58 -29.43 0.78
C TYR A 829 3.63 -28.24 1.73
N VAL A 830 3.68 -27.04 1.16
CA VAL A 830 3.78 -25.81 1.94
C VAL A 830 2.91 -24.74 1.29
N LEU A 831 2.19 -24.00 2.13
CA LEU A 831 1.39 -22.85 1.73
C LEU A 831 2.17 -21.58 2.03
N TYR A 832 1.91 -20.52 1.26
CA TYR A 832 2.52 -19.23 1.52
C TYR A 832 1.52 -18.10 1.35
N GLN A 833 1.91 -16.94 1.84
CA GLN A 833 1.13 -15.71 1.70
C GLN A 833 1.73 -14.76 0.68
N GLN A 834 3.04 -14.71 0.56
CA GLN A 834 3.71 -13.70 -0.25
C GLN A 834 4.88 -14.30 -1.02
N LEU A 835 4.99 -13.92 -2.28
CA LEU A 835 6.07 -14.31 -3.16
C LEU A 835 6.86 -13.07 -3.56
N MET A 836 8.16 -13.22 -3.75
CA MET A 836 8.98 -12.10 -4.23
C MET A 836 10.16 -12.65 -5.02
N LEU A 837 10.69 -11.81 -5.91
CA LEU A 837 11.83 -12.15 -6.75
C LEU A 837 12.97 -11.19 -6.41
N THR A 838 13.89 -11.63 -5.54
CA THR A 838 15.10 -10.88 -5.21
C THR A 838 16.27 -11.84 -5.45
N SER A 839 16.72 -11.89 -6.71
CA SER A 839 17.80 -12.71 -7.29
C SER A 839 17.42 -14.18 -7.44
N LYS A 840 16.27 -14.57 -6.90
CA LYS A 840 15.61 -15.87 -6.98
C LYS A 840 14.29 -15.73 -6.23
N GLU A 841 13.40 -16.69 -6.45
CA GLU A 841 12.05 -16.61 -5.91
C GLU A 841 12.05 -16.96 -4.43
N PHE A 842 11.41 -16.11 -3.62
CA PHE A 842 11.36 -16.28 -2.18
C PHE A 842 9.93 -16.34 -1.67
N ILE A 843 9.75 -17.09 -0.59
CA ILE A 843 8.46 -17.47 -0.03
C ILE A 843 8.40 -17.01 1.41
N ARG A 844 7.42 -16.19 1.76
CA ARG A 844 7.28 -15.76 3.14
C ARG A 844 5.93 -16.19 3.69
N ASP A 845 5.86 -16.21 5.03
CA ASP A 845 4.71 -16.62 5.83
C ASP A 845 4.25 -18.03 5.44
N CYS A 846 5.13 -18.97 5.74
CA CYS A 846 4.97 -20.35 5.35
C CYS A 846 3.95 -21.06 6.24
N LEU A 847 3.52 -22.23 5.78
CA LEU A 847 2.62 -23.10 6.52
C LEU A 847 2.84 -24.52 6.07
N VAL A 848 3.07 -25.42 6.99
CA VAL A 848 3.35 -26.82 6.66
C VAL A 848 2.04 -27.57 6.54
N ILE A 849 1.84 -28.22 5.40
CA ILE A 849 0.71 -29.14 5.20
C ILE A 849 1.26 -30.55 5.32
N PRO A 850 1.07 -31.22 6.46
CA PRO A 850 1.75 -32.50 6.68
C PRO A 850 1.19 -33.67 5.90
N LYS A 851 -0.03 -33.59 5.40
CA LYS A 851 -0.62 -34.73 4.71
C LYS A 851 -1.35 -34.29 3.45
N GLU A 852 -1.39 -35.19 2.47
CA GLU A 852 -1.95 -34.88 1.16
C GLU A 852 -3.45 -34.74 1.20
N GLU A 853 -4.12 -35.44 2.12
CA GLU A 853 -5.58 -35.54 2.11
C GLU A 853 -6.27 -34.23 2.41
N TRP A 854 -5.61 -33.30 3.09
CA TRP A 854 -6.21 -32.01 3.38
C TRP A 854 -6.36 -31.17 2.12
N LEU A 855 -5.51 -31.40 1.13
CA LEU A 855 -5.64 -30.71 -0.15
C LEU A 855 -6.86 -31.18 -0.91
N ILE A 856 -7.03 -32.50 -1.03
CA ILE A 856 -8.12 -33.07 -1.81
C ILE A 856 -9.46 -32.87 -1.10
N ASP A 857 -9.45 -32.83 0.24
CA ASP A 857 -10.69 -32.61 0.98
C ASP A 857 -11.17 -31.17 0.85
N MET A 858 -10.27 -30.20 1.00
CA MET A 858 -10.70 -28.82 1.08
C MET A 858 -10.95 -28.20 -0.28
N VAL A 859 -10.02 -28.34 -1.21
CA VAL A 859 -10.23 -27.84 -2.57
C VAL A 859 -10.16 -29.04 -3.49
N PRO A 860 -11.26 -29.77 -3.69
CA PRO A 860 -11.21 -30.93 -4.59
C PRO A 860 -11.19 -30.55 -6.06
N GLN A 861 -11.49 -29.30 -6.39
CA GLN A 861 -11.58 -28.90 -7.79
C GLN A 861 -10.20 -28.83 -8.44
N ILE A 862 -9.23 -28.23 -7.75
CA ILE A 862 -7.88 -28.16 -8.30
C ILE A 862 -7.14 -29.47 -8.07
N PHE A 863 -7.26 -30.03 -6.87
CA PHE A 863 -6.30 -30.99 -6.35
C PHE A 863 -6.63 -32.44 -6.65
N LYS A 864 -7.83 -32.75 -7.14
CA LYS A 864 -8.05 -34.09 -7.69
C LYS A 864 -7.32 -34.27 -9.01
N ASP A 865 -7.10 -33.19 -9.76
CA ASP A 865 -6.31 -33.28 -10.99
C ASP A 865 -4.84 -33.47 -10.68
N LEU A 866 -4.33 -32.76 -9.67
CA LEU A 866 -2.89 -32.79 -9.39
C LEU A 866 -2.46 -34.12 -8.76
N ILE A 867 -3.29 -34.68 -7.88
CA ILE A 867 -2.92 -35.90 -7.20
C ILE A 867 -3.86 -37.04 -7.59
#